data_1KTD
#
_entry.id   1KTD
#
_cell.length_a   145.520
_cell.length_b   57.300
_cell.length_c   116.570
_cell.angle_alpha   90.00
_cell.angle_beta   94.23
_cell.angle_gamma   90.00
#
_symmetry.space_group_name_H-M   'C 1 2 1'
#
loop_
_entity.id
_entity.type
_entity.pdbx_description
1 polymer 'H-2 class II histocompatibility antigen, E-D alpha chain'
2 polymer 'Fusion protein consisting of cytochrome C peptide, glycine rich linker, and MHC E-beta-k'
3 non-polymer 2-acetamido-2-deoxy-beta-D-glucopyranose
4 non-polymer 'SULFATE ION'
5 water water
#
loop_
_entity_poly.entity_id
_entity_poly.type
_entity_poly.pdbx_seq_one_letter_code
_entity_poly.pdbx_strand_id
1 'polypeptide(L)'
;IKEEHTIIQAEFYLLPDKRGEFMFDFDGDEIFHVDIEKSETIWRLEEFAKFASFEAQGALANIAVDKANLDVMKERSNNT
PDANVAPEVTVLSRSPVNLGEPNILICFIDKFSPPVVNVTWLRNGRPVTEGVSETVFLPRDDHLFRKFHYLTFLPSTDDF
YDCEVDHWGLEEPLRKTWEFEE
;
A,C
2 'polypeptide(L)'
;AADLIAYLKQASAKGGGGSLVGGGSGGGGSRPWFLEYCKSECHFYNGTQRVRLLVRYFYNLEENLRFDSDVGEFRAVTEL
GRPDAENWNSQPEFLEQKRAEVDTVCRHNYEIFDNFLVPRRVEPTVTVYPTKTQPLEHHNLLVCSVSDFYPGNIEVRWFR
NGKEEKTGIVSTGLVRNGDWTFQTLVMLETVPQSGEVYTCQVEHPSLTDPVTVEW
;
B,D
#
loop_
_chem_comp.id
_chem_comp.type
_chem_comp.name
_chem_comp.formula
NAG D-saccharide, beta linking 2-acetamido-2-deoxy-beta-D-glucopyranose 'C8 H15 N O6'
SO4 non-polymer 'SULFATE ION' 'O4 S -2'
#
# COMPACT_ATOMS: atom_id res chain seq x y z
N ILE A 1 -9.61 -16.82 24.93
CA ILE A 1 -9.97 -15.73 23.99
C ILE A 1 -8.77 -14.85 23.68
N LYS A 2 -8.79 -14.21 22.52
CA LYS A 2 -7.71 -13.31 22.10
C LYS A 2 -8.36 -12.12 21.40
N GLU A 3 -8.24 -10.93 21.99
CA GLU A 3 -8.83 -9.72 21.41
C GLU A 3 -7.87 -9.03 20.44
N GLU A 4 -8.21 -9.04 19.16
CA GLU A 4 -7.38 -8.39 18.15
C GLU A 4 -8.09 -7.12 17.69
N HIS A 5 -7.43 -5.98 17.88
CA HIS A 5 -8.01 -4.69 17.53
C HIS A 5 -6.99 -3.69 16.99
N THR A 6 -7.49 -2.67 16.31
CA THR A 6 -6.62 -1.63 15.77
C THR A 6 -7.22 -0.26 16.03
N ILE A 7 -6.42 0.63 16.62
CA ILE A 7 -6.84 1.98 16.88
C ILE A 7 -5.87 2.81 16.07
N ILE A 8 -6.40 3.72 15.24
CA ILE A 8 -5.58 4.56 14.39
C ILE A 8 -5.86 6.02 14.63
N GLN A 9 -4.80 6.80 14.84
CA GLN A 9 -4.93 8.23 15.02
C GLN A 9 -4.61 8.76 13.63
N ALA A 10 -5.63 9.29 12.93
CA ALA A 10 -5.42 9.78 11.58
C ALA A 10 -5.58 11.29 11.52
N GLU A 11 -4.56 11.95 11.00
CA GLU A 11 -4.54 13.41 10.89
C GLU A 11 -3.88 13.89 9.61
N PHE A 12 -4.27 15.07 9.16
CA PHE A 12 -3.69 15.62 7.94
C PHE A 12 -3.94 17.11 7.75
N TYR A 13 -3.17 17.70 6.86
CA TYR A 13 -3.32 19.10 6.52
C TYR A 13 -3.14 19.17 5.02
N LEU A 14 -4.04 19.90 4.35
CA LEU A 14 -4.02 20.00 2.90
C LEU A 14 -4.02 21.40 2.31
N LEU A 15 -3.23 21.56 1.25
CA LEU A 15 -3.16 22.83 0.53
C LEU A 15 -3.54 22.54 -0.93
N PRO A 16 -4.01 23.55 -1.66
CA PRO A 16 -4.16 24.93 -1.17
C PRO A 16 -5.44 25.16 -0.34
N ASP A 17 -6.25 24.11 -0.19
CA ASP A 17 -7.49 24.22 0.57
C ASP A 17 -7.36 24.71 2.01
N LYS A 18 -6.18 24.54 2.61
CA LYS A 18 -5.97 24.95 3.99
C LYS A 18 -6.97 24.22 4.87
N ARG A 19 -6.97 22.90 4.75
CA ARG A 19 -7.86 22.11 5.56
C ARG A 19 -7.12 21.00 6.28
N GLY A 20 -7.55 20.73 7.51
CA GLY A 20 -6.94 19.70 8.30
C GLY A 20 -7.99 18.80 8.89
N GLU A 21 -7.56 17.70 9.48
CA GLU A 21 -8.48 16.77 10.10
C GLU A 21 -7.69 15.99 11.15
N PHE A 22 -8.39 15.53 12.17
CA PHE A 22 -7.79 14.74 13.24
C PHE A 22 -8.92 13.84 13.75
N MET A 23 -8.74 12.54 13.62
CA MET A 23 -9.76 11.61 14.07
C MET A 23 -9.16 10.30 14.58
N PHE A 24 -9.98 9.56 15.33
CA PHE A 24 -9.57 8.27 15.83
C PHE A 24 -10.45 7.23 15.17
N ASP A 25 -9.84 6.10 14.88
CA ASP A 25 -10.52 5.02 14.21
C ASP A 25 -10.37 3.75 15.05
N PHE A 26 -11.43 2.94 15.10
CA PHE A 26 -11.40 1.69 15.85
C PHE A 26 -11.86 0.56 14.96
N ASP A 27 -10.95 -0.35 14.63
CA ASP A 27 -11.27 -1.47 13.78
C ASP A 27 -12.07 -0.97 12.55
N GLY A 28 -11.62 0.13 11.96
CA GLY A 28 -12.32 0.63 10.78
C GLY A 28 -13.43 1.67 10.93
N ASP A 29 -13.91 1.89 12.16
CA ASP A 29 -14.97 2.86 12.36
C ASP A 29 -14.49 4.04 13.19
N GLU A 30 -15.10 5.19 12.93
CA GLU A 30 -14.74 6.41 13.62
C GLU A 30 -15.18 6.45 15.08
N ILE A 31 -14.26 6.77 15.99
CA ILE A 31 -14.63 6.88 17.38
C ILE A 31 -15.05 8.35 17.55
N PHE A 32 -14.27 9.23 16.92
CA PHE A 32 -14.52 10.68 16.98
C PHE A 32 -13.52 11.43 16.10
N HIS A 33 -13.80 12.70 15.87
CA HIS A 33 -12.86 13.56 15.14
C HIS A 33 -13.03 14.88 15.87
N VAL A 34 -12.11 15.81 15.66
CA VAL A 34 -12.20 17.10 16.32
C VAL A 34 -12.54 18.17 15.31
N ASP A 35 -13.50 19.02 15.61
CA ASP A 35 -13.83 20.10 14.69
C ASP A 35 -12.68 21.09 14.89
N ILE A 36 -11.84 21.23 13.89
CA ILE A 36 -10.70 22.12 14.01
C ILE A 36 -11.10 23.54 14.39
N GLU A 37 -12.17 24.06 13.80
CA GLU A 37 -12.62 25.42 14.11
C GLU A 37 -13.16 25.50 15.54
N LYS A 38 -14.35 24.97 15.74
CA LYS A 38 -14.98 24.97 17.06
C LYS A 38 -14.03 24.51 18.15
N SER A 39 -13.06 23.69 17.76
CA SER A 39 -12.12 23.13 18.71
C SER A 39 -12.87 22.25 19.70
N GLU A 40 -13.75 21.39 19.19
CA GLU A 40 -14.50 20.50 20.06
C GLU A 40 -14.46 19.06 19.56
N THR A 41 -14.66 18.13 20.49
CA THR A 41 -14.63 16.72 20.17
C THR A 41 -16.02 16.25 19.73
N ILE A 42 -16.06 15.57 18.58
CA ILE A 42 -17.29 15.05 18.00
C ILE A 42 -17.28 13.53 17.98
N TRP A 43 -18.09 12.91 18.84
CA TRP A 43 -18.16 11.46 18.92
C TRP A 43 -19.03 10.91 17.80
N ARG A 44 -18.56 9.87 17.13
CA ARG A 44 -19.32 9.31 16.03
C ARG A 44 -20.75 8.98 16.48
N LEU A 45 -20.88 8.25 17.59
CA LEU A 45 -22.18 7.91 18.16
C LEU A 45 -22.28 8.64 19.47
N GLU A 46 -23.43 9.28 19.72
CA GLU A 46 -23.61 10.04 20.97
C GLU A 46 -23.22 9.30 22.25
N GLU A 47 -23.63 8.04 22.34
CA GLU A 47 -23.39 7.24 23.51
C GLU A 47 -21.92 7.08 23.92
N PHE A 48 -20.99 7.41 23.02
CA PHE A 48 -19.58 7.27 23.33
C PHE A 48 -19.10 8.28 24.36
N ALA A 49 -19.76 9.43 24.42
CA ALA A 49 -19.38 10.51 25.34
C ALA A 49 -19.35 10.18 26.83
N LYS A 50 -20.25 9.32 27.29
CA LYS A 50 -20.27 9.01 28.70
C LYS A 50 -19.13 8.10 29.13
N PHE A 51 -18.41 7.53 28.17
CA PHE A 51 -17.31 6.63 28.52
C PHE A 51 -15.91 7.19 28.36
N ALA A 52 -15.77 8.35 27.75
CA ALA A 52 -14.44 8.92 27.56
C ALA A 52 -14.51 10.38 27.13
N SER A 53 -13.34 11.01 27.12
CA SER A 53 -13.25 12.39 26.73
C SER A 53 -11.91 12.64 26.07
N PHE A 54 -11.83 13.74 25.33
CA PHE A 54 -10.62 14.10 24.63
C PHE A 54 -10.49 15.61 24.60
N GLU A 55 -9.30 16.09 24.97
CA GLU A 55 -8.99 17.51 24.97
C GLU A 55 -8.76 17.92 23.52
N ALA A 56 -9.73 18.63 22.94
CA ALA A 56 -9.64 19.06 21.56
C ALA A 56 -8.35 19.82 21.23
N GLN A 57 -7.90 20.69 22.12
CA GLN A 57 -6.67 21.45 21.87
C GLN A 57 -5.54 20.57 21.35
N GLY A 58 -5.50 19.33 21.83
CA GLY A 58 -4.46 18.41 21.39
C GLY A 58 -4.48 18.21 19.89
N ALA A 59 -5.67 18.06 19.33
CA ALA A 59 -5.81 17.85 17.90
C ALA A 59 -5.29 19.07 17.15
N LEU A 60 -5.66 20.26 17.63
CA LEU A 60 -5.23 21.50 16.99
C LEU A 60 -3.73 21.71 17.10
N ALA A 61 -3.12 21.30 18.21
CA ALA A 61 -1.68 21.48 18.35
C ALA A 61 -1.01 20.64 17.27
N ASN A 62 -1.45 19.39 17.15
CA ASN A 62 -0.87 18.51 16.15
C ASN A 62 -1.07 19.01 14.73
N ILE A 63 -2.25 19.55 14.43
CA ILE A 63 -2.54 20.07 13.10
C ILE A 63 -1.57 21.21 12.76
N ALA A 64 -1.21 22.00 13.77
CA ALA A 64 -0.28 23.10 13.59
C ALA A 64 1.06 22.53 13.12
N VAL A 65 1.50 21.45 13.75
CA VAL A 65 2.76 20.82 13.34
C VAL A 65 2.59 20.21 11.96
N ASP A 66 1.46 19.56 11.71
CA ASP A 66 1.23 18.96 10.39
C ASP A 66 1.27 20.07 9.35
N LYS A 67 0.76 21.24 9.72
CA LYS A 67 0.73 22.40 8.84
C LYS A 67 2.15 22.87 8.54
N ALA A 68 2.98 22.95 9.59
CA ALA A 68 4.36 23.39 9.39
C ALA A 68 5.10 22.36 8.55
N ASN A 69 4.89 21.09 8.88
CA ASN A 69 5.54 20.01 8.16
C ASN A 69 5.16 20.00 6.70
N LEU A 70 3.90 20.31 6.41
CA LEU A 70 3.46 20.33 5.03
C LEU A 70 4.35 21.30 4.27
N ASP A 71 4.60 22.47 4.86
CA ASP A 71 5.45 23.42 4.17
C ASP A 71 6.83 22.88 3.88
N VAL A 72 7.42 22.19 4.83
CA VAL A 72 8.75 21.62 4.62
C VAL A 72 8.73 20.60 3.47
N MET A 73 7.76 19.71 3.48
CA MET A 73 7.67 18.71 2.43
C MET A 73 7.56 19.33 1.04
N LYS A 74 6.90 20.48 0.94
CA LYS A 74 6.77 21.16 -0.34
C LYS A 74 8.11 21.74 -0.80
N GLU A 75 8.90 22.20 0.16
CA GLU A 75 10.21 22.78 -0.14
C GLU A 75 11.16 21.65 -0.52
N ARG A 76 11.12 20.60 0.28
CA ARG A 76 11.97 19.42 0.08
C ARG A 76 11.77 18.74 -1.27
N SER A 77 10.63 18.99 -1.92
CA SER A 77 10.34 18.36 -3.21
C SER A 77 10.08 19.38 -4.32
N ASN A 78 10.56 20.60 -4.14
CA ASN A 78 10.37 21.68 -5.13
C ASN A 78 8.93 21.75 -5.63
N ASN A 79 7.97 21.75 -4.70
CA ASN A 79 6.55 21.83 -5.05
C ASN A 79 6.07 20.94 -6.19
N THR A 80 6.67 19.77 -6.33
CA THR A 80 6.28 18.84 -7.36
C THR A 80 4.97 18.18 -6.87
N PRO A 81 3.99 18.01 -7.77
CA PRO A 81 2.73 17.41 -7.34
C PRO A 81 2.46 16.05 -7.95
N ASP A 82 1.55 15.31 -7.30
CA ASP A 82 1.14 14.01 -7.79
C ASP A 82 -0.16 14.20 -8.55
N ALA A 83 -0.69 13.10 -9.09
CA ALA A 83 -1.94 13.15 -9.82
C ALA A 83 -3.10 13.05 -8.83
N ASN A 84 -4.25 13.62 -9.20
CA ASN A 84 -5.43 13.53 -8.35
C ASN A 84 -5.94 12.12 -8.56
N VAL A 85 -6.50 11.51 -7.52
CA VAL A 85 -7.04 10.17 -7.66
C VAL A 85 -8.55 10.17 -7.42
N ALA A 86 -9.30 9.99 -8.49
CA ALA A 86 -10.76 9.96 -8.45
C ALA A 86 -11.32 8.83 -7.60
N PRO A 87 -12.51 9.04 -7.01
CA PRO A 87 -13.16 8.04 -6.17
C PRO A 87 -14.12 7.12 -6.91
N GLU A 88 -14.43 5.99 -6.28
CA GLU A 88 -15.38 5.03 -6.81
C GLU A 88 -16.58 5.31 -5.93
N VAL A 89 -17.76 5.44 -6.49
CA VAL A 89 -18.94 5.73 -5.68
C VAL A 89 -19.96 4.59 -5.70
N THR A 90 -20.56 4.35 -4.54
CA THR A 90 -21.55 3.30 -4.41
C THR A 90 -22.71 3.77 -3.55
N VAL A 91 -23.93 3.61 -4.03
CA VAL A 91 -25.07 4.02 -3.26
C VAL A 91 -25.73 2.74 -2.76
N LEU A 92 -26.33 2.80 -1.57
CA LEU A 92 -26.99 1.62 -1.04
C LEU A 92 -27.81 1.92 0.19
N SER A 93 -28.76 1.04 0.49
CA SER A 93 -29.60 1.18 1.66
C SER A 93 -28.85 0.67 2.89
N ARG A 94 -29.11 1.29 4.03
CA ARG A 94 -28.46 0.89 5.27
C ARG A 94 -28.95 -0.50 5.69
N SER A 95 -30.24 -0.72 5.48
CA SER A 95 -30.87 -2.00 5.81
C SER A 95 -31.98 -2.34 4.82
N PRO A 96 -32.53 -3.56 4.89
CA PRO A 96 -33.61 -4.01 3.99
C PRO A 96 -34.70 -2.95 3.84
N VAL A 97 -35.10 -2.69 2.61
CA VAL A 97 -36.10 -1.68 2.33
C VAL A 97 -37.55 -2.15 2.22
N ASN A 98 -38.39 -1.61 3.10
CA ASN A 98 -39.80 -1.92 3.14
C ASN A 98 -40.57 -0.62 2.95
N LEU A 99 -41.53 -0.61 2.04
CA LEU A 99 -42.30 0.60 1.78
C LEU A 99 -42.95 1.13 3.07
N GLY A 100 -42.88 2.45 3.27
CA GLY A 100 -43.48 3.05 4.45
C GLY A 100 -42.64 2.99 5.72
N GLU A 101 -41.54 2.26 5.72
CA GLU A 101 -40.71 2.16 6.91
C GLU A 101 -39.44 2.98 6.76
N PRO A 102 -39.27 4.02 7.60
CA PRO A 102 -38.09 4.89 7.55
C PRO A 102 -36.80 4.11 7.37
N ASN A 103 -35.92 4.64 6.53
CA ASN A 103 -34.66 3.98 6.27
C ASN A 103 -33.63 5.05 5.97
N ILE A 104 -32.42 4.65 5.59
CA ILE A 104 -31.36 5.59 5.28
C ILE A 104 -30.58 5.15 4.04
N LEU A 105 -30.34 6.07 3.13
CA LEU A 105 -29.58 5.77 1.91
C LEU A 105 -28.13 6.14 2.16
N ILE A 106 -27.23 5.30 1.67
CA ILE A 106 -25.80 5.53 1.86
C ILE A 106 -25.05 5.78 0.55
N CYS A 107 -24.33 6.89 0.49
CA CYS A 107 -23.51 7.18 -0.69
C CYS A 107 -22.07 6.98 -0.22
N PHE A 108 -21.48 5.85 -0.62
CA PHE A 108 -20.13 5.51 -0.23
C PHE A 108 -19.07 5.96 -1.21
N ILE A 109 -18.26 6.95 -0.81
CA ILE A 109 -17.18 7.48 -1.64
C ILE A 109 -15.88 6.82 -1.21
N ASP A 110 -15.24 6.08 -2.11
CA ASP A 110 -14.03 5.34 -1.75
C ASP A 110 -12.78 5.51 -2.64
N LYS A 111 -11.64 5.14 -2.07
CA LYS A 111 -10.35 5.17 -2.75
C LYS A 111 -10.01 6.44 -3.52
N PHE A 112 -9.92 7.57 -2.84
CA PHE A 112 -9.60 8.80 -3.55
C PHE A 112 -8.66 9.68 -2.75
N SER A 113 -8.10 10.68 -3.42
CA SER A 113 -7.21 11.64 -2.79
C SER A 113 -6.95 12.74 -3.79
N PRO A 114 -6.78 13.98 -3.31
CA PRO A 114 -6.80 14.42 -1.91
C PRO A 114 -8.14 14.29 -1.20
N PRO A 115 -8.14 14.45 0.13
CA PRO A 115 -9.33 14.36 0.96
C PRO A 115 -10.21 15.60 0.84
N VAL A 116 -10.78 15.78 -0.35
CA VAL A 116 -11.70 16.87 -0.61
C VAL A 116 -12.64 16.37 -1.67
N VAL A 117 -13.94 16.57 -1.48
CA VAL A 117 -14.93 16.14 -2.45
C VAL A 117 -16.20 16.96 -2.29
N ASN A 118 -17.06 16.92 -3.31
CA ASN A 118 -18.32 17.62 -3.24
C ASN A 118 -19.37 16.57 -3.48
N VAL A 119 -20.31 16.47 -2.56
CA VAL A 119 -21.39 15.50 -2.65
C VAL A 119 -22.75 16.19 -2.60
N THR A 120 -23.66 15.76 -3.49
CA THR A 120 -25.00 16.32 -3.51
C THR A 120 -26.05 15.20 -3.59
N TRP A 121 -27.00 15.21 -2.67
CA TRP A 121 -28.07 14.22 -2.70
C TRP A 121 -29.17 14.79 -3.56
N LEU A 122 -29.78 13.93 -4.37
CA LEU A 122 -30.85 14.37 -5.24
C LEU A 122 -32.04 13.45 -5.07
N ARG A 123 -33.21 14.06 -4.84
CA ARG A 123 -34.46 13.30 -4.72
C ARG A 123 -35.38 13.90 -5.77
N ASN A 124 -35.81 13.06 -6.71
CA ASN A 124 -36.68 13.50 -7.78
C ASN A 124 -36.05 14.67 -8.51
N GLY A 125 -34.76 14.54 -8.79
CA GLY A 125 -34.03 15.56 -9.53
C GLY A 125 -33.70 16.85 -8.82
N ARG A 126 -34.02 16.96 -7.54
CA ARG A 126 -33.73 18.18 -6.80
C ARG A 126 -32.80 17.94 -5.61
N PRO A 127 -31.90 18.90 -5.34
CA PRO A 127 -30.95 18.80 -4.23
C PRO A 127 -31.69 18.73 -2.88
N VAL A 128 -31.28 17.81 -2.02
CA VAL A 128 -31.88 17.64 -0.71
C VAL A 128 -30.90 18.08 0.38
N THR A 129 -31.30 19.06 1.19
CA THR A 129 -30.42 19.55 2.25
C THR A 129 -30.92 19.26 3.64
N GLU A 130 -32.06 18.58 3.75
CA GLU A 130 -32.62 18.24 5.04
C GLU A 130 -32.52 16.74 5.25
N GLY A 131 -32.14 16.31 6.45
CA GLY A 131 -32.03 14.89 6.69
C GLY A 131 -30.82 14.26 6.05
N VAL A 132 -29.74 15.03 5.92
CA VAL A 132 -28.51 14.50 5.35
C VAL A 132 -27.40 14.69 6.36
N SER A 133 -26.42 13.79 6.35
CA SER A 133 -25.28 13.89 7.26
C SER A 133 -24.11 13.26 6.55
N GLU A 134 -22.92 13.41 7.11
CA GLU A 134 -21.73 12.85 6.48
C GLU A 134 -20.62 12.63 7.48
N THR A 135 -19.68 11.77 7.10
CA THR A 135 -18.56 11.47 7.95
C THR A 135 -17.38 12.32 7.49
N VAL A 136 -16.35 12.41 8.32
CA VAL A 136 -15.17 13.14 7.93
C VAL A 136 -14.41 12.21 6.96
N PHE A 137 -13.21 12.56 6.55
CA PHE A 137 -12.51 11.71 5.61
C PHE A 137 -11.84 10.54 6.33
N LEU A 138 -12.46 9.38 6.17
CA LEU A 138 -12.00 8.16 6.80
C LEU A 138 -10.80 7.52 6.09
N PRO A 139 -9.91 6.91 6.87
CA PRO A 139 -8.70 6.25 6.42
C PRO A 139 -8.92 4.83 5.92
N ARG A 140 -8.08 4.45 4.95
CA ARG A 140 -8.08 3.12 4.38
C ARG A 140 -6.74 2.53 4.85
N ASP A 141 -6.40 1.32 4.41
CA ASP A 141 -5.13 0.75 4.82
C ASP A 141 -3.98 1.45 4.09
N ASP A 142 -4.22 1.84 2.85
CA ASP A 142 -3.20 2.52 2.07
C ASP A 142 -3.09 4.01 2.39
N HIS A 143 -2.96 4.81 1.34
CA HIS A 143 -2.82 6.25 1.48
C HIS A 143 -4.07 6.98 1.00
N LEU A 144 -5.09 6.23 0.61
CA LEU A 144 -6.32 6.82 0.08
C LEU A 144 -7.40 7.02 1.15
N PHE A 145 -8.44 7.78 0.82
CA PHE A 145 -9.50 8.02 1.78
C PHE A 145 -10.86 7.46 1.34
N ARG A 146 -11.82 7.48 2.28
CA ARG A 146 -13.18 7.02 2.02
C ARG A 146 -14.09 7.94 2.82
N LYS A 147 -15.35 8.05 2.41
CA LYS A 147 -16.27 8.96 3.08
C LYS A 147 -17.70 8.43 2.95
N PHE A 148 -18.53 8.71 3.94
CA PHE A 148 -19.92 8.26 3.88
C PHE A 148 -20.87 9.44 3.90
N HIS A 149 -21.84 9.42 3.00
CA HIS A 149 -22.86 10.46 3.00
C HIS A 149 -24.16 9.72 3.26
N TYR A 150 -25.08 10.40 3.93
CA TYR A 150 -26.33 9.78 4.32
C TYR A 150 -27.57 10.64 4.03
N LEU A 151 -28.65 9.96 3.65
CA LEU A 151 -29.93 10.57 3.35
C LEU A 151 -31.06 9.75 3.95
N THR A 152 -31.82 10.37 4.85
CA THR A 152 -32.95 9.73 5.50
C THR A 152 -34.13 9.72 4.52
N PHE A 153 -34.81 8.59 4.43
CA PHE A 153 -35.92 8.55 3.51
C PHE A 153 -36.96 7.53 3.88
N LEU A 154 -38.13 7.69 3.27
CA LEU A 154 -39.27 6.80 3.47
C LEU A 154 -39.47 6.06 2.16
N PRO A 155 -39.07 4.79 2.10
CA PRO A 155 -39.21 4.01 0.87
C PRO A 155 -40.56 4.23 0.20
N SER A 156 -40.51 4.45 -1.11
CA SER A 156 -41.68 4.69 -1.94
C SER A 156 -41.36 4.38 -3.40
N THR A 157 -42.37 3.99 -4.16
CA THR A 157 -42.17 3.66 -5.57
C THR A 157 -42.32 4.91 -6.45
N ASP A 158 -42.46 6.07 -5.83
CA ASP A 158 -42.60 7.32 -6.58
C ASP A 158 -41.39 8.24 -6.45
N ASP A 159 -40.36 7.83 -5.72
CA ASP A 159 -39.19 8.69 -5.56
C ASP A 159 -37.94 8.13 -6.22
N PHE A 160 -37.13 9.01 -6.79
CA PHE A 160 -35.92 8.58 -7.48
C PHE A 160 -34.71 9.37 -7.03
N TYR A 161 -33.74 8.67 -6.46
CA TYR A 161 -32.54 9.29 -5.91
C TYR A 161 -31.28 9.18 -6.75
N ASP A 162 -30.40 10.16 -6.58
CA ASP A 162 -29.13 10.22 -7.27
C ASP A 162 -28.10 10.83 -6.32
N CYS A 163 -26.92 10.22 -6.25
CA CYS A 163 -25.85 10.76 -5.44
C CYS A 163 -24.85 11.28 -6.45
N GLU A 164 -24.70 12.60 -6.49
CA GLU A 164 -23.79 13.25 -7.42
C GLU A 164 -22.49 13.65 -6.69
N VAL A 165 -21.38 13.03 -7.09
CA VAL A 165 -20.07 13.29 -6.46
C VAL A 165 -19.06 13.93 -7.42
N ASP A 166 -18.35 14.94 -6.93
CA ASP A 166 -17.37 15.66 -7.74
C ASP A 166 -16.01 15.69 -7.03
N HIS A 167 -14.95 15.52 -7.82
CA HIS A 167 -13.60 15.49 -7.31
C HIS A 167 -12.64 16.05 -8.35
N TRP A 168 -11.53 16.63 -7.90
CA TRP A 168 -10.55 17.18 -8.82
C TRP A 168 -9.98 16.11 -9.74
N GLY A 169 -10.21 14.84 -9.41
CA GLY A 169 -9.70 13.77 -10.23
C GLY A 169 -10.69 13.22 -11.24
N LEU A 170 -11.85 13.87 -11.35
CA LEU A 170 -12.89 13.43 -12.29
C LEU A 170 -13.05 14.44 -13.41
N GLU A 171 -13.22 13.96 -14.64
CA GLU A 171 -13.39 14.88 -15.77
C GLU A 171 -14.76 15.53 -15.65
N GLU A 172 -15.75 14.72 -15.29
CA GLU A 172 -17.13 15.16 -15.11
C GLU A 172 -17.63 14.50 -13.83
N PRO A 173 -18.55 15.15 -13.11
CA PRO A 173 -19.07 14.56 -11.87
C PRO A 173 -19.65 13.16 -12.04
N LEU A 174 -19.45 12.33 -11.03
CA LEU A 174 -19.93 10.95 -11.02
C LEU A 174 -21.39 11.00 -10.51
N ARG A 175 -22.30 10.36 -11.23
CA ARG A 175 -23.71 10.36 -10.83
C ARG A 175 -24.27 8.96 -10.64
N LYS A 176 -24.61 8.61 -9.41
CA LYS A 176 -25.17 7.29 -9.12
C LYS A 176 -26.64 7.33 -8.71
N THR A 177 -27.45 6.49 -9.38
CA THR A 177 -28.88 6.42 -9.14
C THR A 177 -29.28 5.29 -8.19
N TRP A 178 -30.44 5.46 -7.57
CA TRP A 178 -30.99 4.46 -6.66
C TRP A 178 -32.51 4.63 -6.59
N GLU A 179 -33.24 3.52 -6.61
CA GLU A 179 -34.70 3.56 -6.50
C GLU A 179 -35.18 2.26 -5.87
N PHE A 180 -36.38 2.28 -5.30
CA PHE A 180 -36.91 1.09 -4.67
C PHE A 180 -37.01 -0.10 -5.62
N GLU A 181 -36.24 -1.14 -5.32
CA GLU A 181 -36.27 -2.35 -6.13
C GLU A 181 -36.96 -3.37 -5.22
N GLU A 182 -38.05 -3.95 -5.71
CA GLU A 182 -38.82 -4.91 -4.94
C GLU A 182 -38.10 -6.27 -4.81
N ALA B 1 -15.30 5.57 34.51
CA ALA B 1 -15.11 4.70 33.33
C ALA B 1 -14.94 5.57 32.08
N ALA B 2 -14.83 6.87 32.29
CA ALA B 2 -14.66 7.84 31.21
C ALA B 2 -13.32 8.58 31.25
N ASP B 3 -12.22 7.84 31.35
CA ASP B 3 -10.89 8.44 31.41
C ASP B 3 -10.65 9.29 30.15
N LEU B 4 -9.59 10.09 30.15
CA LEU B 4 -9.31 10.93 28.99
C LEU B 4 -8.35 10.29 27.98
N ILE B 5 -8.77 10.28 26.73
CA ILE B 5 -8.02 9.69 25.63
C ILE B 5 -6.72 10.43 25.37
N ALA B 6 -5.66 9.68 25.10
CA ALA B 6 -4.36 10.27 24.81
C ALA B 6 -4.10 10.27 23.31
N TYR B 7 -3.33 11.23 22.84
CA TYR B 7 -3.00 11.31 21.44
C TYR B 7 -1.49 11.26 21.25
N LEU B 8 -1.04 10.75 20.11
CA LEU B 8 0.38 10.68 19.81
C LEU B 8 0.80 12.08 19.39
N LYS B 9 1.90 12.57 19.96
CA LYS B 9 2.35 13.92 19.63
C LYS B 9 3.07 14.00 18.30
N GLN B 10 2.66 14.98 17.49
CA GLN B 10 3.25 15.17 16.18
C GLN B 10 4.61 15.83 16.32
N ALA B 11 5.59 15.35 15.55
CA ALA B 11 6.93 15.90 15.60
C ALA B 11 7.20 16.86 14.44
N SER B 12 8.01 17.89 14.71
CA SER B 12 8.35 18.89 13.70
C SER B 12 9.45 18.47 12.75
N ALA B 13 9.14 18.48 11.47
CA ALA B 13 10.11 18.14 10.45
C ALA B 13 10.94 19.41 10.25
N LYS B 14 12.18 19.24 9.80
CA LYS B 14 13.06 20.38 9.60
C LYS B 14 13.31 20.62 8.12
N GLY B 15 13.36 21.89 7.74
CA GLY B 15 13.60 22.24 6.35
C GLY B 15 14.80 23.16 6.20
N GLY B 16 14.74 24.02 5.19
CA GLY B 16 15.82 24.96 4.94
C GLY B 16 16.91 24.30 4.12
N GLY B 17 17.31 23.10 4.54
CA GLY B 17 18.33 22.39 3.81
C GLY B 17 17.72 21.21 3.08
N GLY B 18 18.29 20.86 1.93
CA GLY B 18 17.78 19.74 1.17
C GLY B 18 16.70 20.05 0.15
N SER B 19 16.60 19.19 -0.86
CA SER B 19 15.64 19.33 -1.93
C SER B 19 15.84 18.12 -2.86
N LEU B 20 14.77 17.45 -3.24
CA LEU B 20 14.88 16.29 -4.11
C LEU B 20 14.48 16.61 -5.54
N VAL B 21 15.13 15.94 -6.48
CA VAL B 21 14.87 16.15 -7.91
C VAL B 21 14.00 15.04 -8.51
N GLY B 22 13.48 15.32 -9.70
CA GLY B 22 12.65 14.37 -10.43
C GLY B 22 11.62 13.62 -9.61
N GLY B 23 10.85 14.35 -8.82
CA GLY B 23 9.82 13.71 -8.02
C GLY B 23 8.86 12.95 -8.91
N GLY B 24 9.19 11.70 -9.19
CA GLY B 24 8.34 10.87 -10.03
C GLY B 24 6.93 10.86 -9.48
N SER B 25 6.18 11.89 -9.83
CA SER B 25 4.81 12.06 -9.37
C SER B 25 3.84 12.02 -10.55
N GLY B 26 2.77 11.25 -10.39
CA GLY B 26 1.77 11.13 -11.44
C GLY B 26 1.46 12.41 -12.18
N GLY B 27 1.47 13.54 -11.48
CA GLY B 27 1.18 14.81 -12.12
C GLY B 27 -0.19 14.77 -12.80
N GLY B 28 -0.19 14.83 -14.13
CA GLY B 28 -1.44 14.77 -14.86
C GLY B 28 -2.15 16.09 -15.09
N GLY B 29 -1.39 17.15 -15.32
CA GLY B 29 -1.96 18.47 -15.56
C GLY B 29 -3.30 18.78 -14.92
N SER B 30 -3.53 18.23 -13.73
CA SER B 30 -4.78 18.46 -13.00
C SER B 30 -4.49 19.49 -11.92
N ARG B 31 -5.45 19.73 -11.01
CA ARG B 31 -5.23 20.71 -9.97
C ARG B 31 -4.24 20.30 -8.88
N PRO B 32 -3.10 21.00 -8.80
CA PRO B 32 -2.07 20.71 -7.80
C PRO B 32 -2.61 20.67 -6.38
N TRP B 33 -2.21 19.65 -5.63
CA TRP B 33 -2.64 19.49 -4.25
C TRP B 33 -1.44 19.01 -3.45
N PHE B 34 -1.40 19.36 -2.17
CA PHE B 34 -0.32 18.98 -1.29
C PHE B 34 -0.88 18.50 0.04
N LEU B 35 -0.56 17.26 0.40
CA LEU B 35 -1.07 16.64 1.61
C LEU B 35 -0.05 16.08 2.60
N GLU B 36 -0.14 16.53 3.86
CA GLU B 36 0.72 16.03 4.92
C GLU B 36 -0.25 15.14 5.68
N TYR B 37 -0.03 13.83 5.60
CA TYR B 37 -0.91 12.85 6.19
C TYR B 37 -0.15 11.85 7.04
N CYS B 38 -0.61 11.67 8.28
CA CYS B 38 0.04 10.75 9.19
C CYS B 38 -0.95 9.85 9.93
N LYS B 39 -0.61 8.57 9.98
CA LYS B 39 -1.45 7.60 10.66
C LYS B 39 -0.63 6.91 11.76
N SER B 40 -1.12 7.00 12.99
CA SER B 40 -0.45 6.35 14.12
C SER B 40 -1.32 5.16 14.46
N GLU B 41 -0.82 3.99 14.12
CA GLU B 41 -1.58 2.77 14.33
C GLU B 41 -1.18 1.93 15.53
N CYS B 42 -2.14 1.69 16.41
CA CYS B 42 -1.92 0.84 17.59
C CYS B 42 -2.55 -0.51 17.26
N HIS B 43 -1.71 -1.54 17.18
CA HIS B 43 -2.16 -2.89 16.88
C HIS B 43 -2.12 -3.74 18.14
N PHE B 44 -3.25 -4.34 18.48
CA PHE B 44 -3.36 -5.18 19.67
C PHE B 44 -3.59 -6.63 19.27
N TYR B 45 -2.62 -7.48 19.55
CA TYR B 45 -2.71 -8.90 19.19
C TYR B 45 -3.43 -9.75 20.22
N ASN B 46 -3.76 -9.14 21.35
CA ASN B 46 -4.48 -9.82 22.41
C ASN B 46 -4.65 -8.80 23.52
N GLY B 47 -5.51 -7.81 23.28
CA GLY B 47 -5.71 -6.76 24.25
C GLY B 47 -4.36 -6.09 24.37
N THR B 48 -4.05 -5.54 25.54
CA THR B 48 -2.78 -4.87 25.77
C THR B 48 -1.59 -5.82 25.94
N GLN B 49 -1.89 -7.11 26.11
CA GLN B 49 -0.85 -8.12 26.29
C GLN B 49 0.34 -7.90 25.38
N ARG B 50 0.08 -7.85 24.09
CA ARG B 50 1.11 -7.63 23.10
C ARG B 50 0.64 -6.50 22.20
N VAL B 51 1.49 -5.49 22.05
CA VAL B 51 1.15 -4.33 21.26
C VAL B 51 2.26 -3.86 20.33
N ARG B 52 1.84 -3.29 19.20
CA ARG B 52 2.77 -2.77 18.21
C ARG B 52 2.29 -1.40 17.74
N LEU B 53 3.13 -0.39 17.94
CA LEU B 53 2.81 0.96 17.50
C LEU B 53 3.42 1.16 16.13
N LEU B 54 2.59 1.51 15.15
CA LEU B 54 3.08 1.73 13.81
C LEU B 54 2.67 3.10 13.32
N VAL B 55 3.63 4.01 13.18
CA VAL B 55 3.33 5.36 12.72
C VAL B 55 3.78 5.46 11.27
N ARG B 56 2.89 5.94 10.41
CA ARG B 56 3.22 6.07 9.01
C ARG B 56 2.96 7.48 8.51
N TYR B 57 3.92 7.98 7.73
CA TYR B 57 3.86 9.31 7.17
C TYR B 57 3.67 9.28 5.67
N PHE B 58 2.74 10.07 5.17
CA PHE B 58 2.51 10.13 3.73
C PHE B 58 2.56 11.57 3.26
N TYR B 59 3.18 11.79 2.11
CA TYR B 59 3.22 13.10 1.50
C TYR B 59 2.49 12.83 0.19
N ASN B 60 1.33 13.46 0.02
CA ASN B 60 0.53 13.23 -1.17
C ASN B 60 0.16 11.74 -1.26
N LEU B 61 0.54 11.09 -2.36
CA LEU B 61 0.20 9.68 -2.54
C LEU B 61 1.25 8.67 -2.07
N GLU B 62 2.31 9.10 -1.38
CA GLU B 62 3.35 8.16 -0.98
C GLU B 62 3.77 8.11 0.48
N GLU B 63 4.00 6.89 0.97
CA GLU B 63 4.46 6.68 2.33
C GLU B 63 5.95 6.93 2.24
N ASN B 64 6.45 7.92 2.99
CA ASN B 64 7.86 8.24 2.94
C ASN B 64 8.62 8.06 4.24
N LEU B 65 7.94 7.59 5.28
CA LEU B 65 8.58 7.41 6.57
C LEU B 65 7.66 6.71 7.55
N ARG B 66 8.22 5.96 8.47
CA ARG B 66 7.40 5.29 9.46
C ARG B 66 8.13 5.08 10.76
N PHE B 67 7.39 4.67 11.78
CA PHE B 67 7.97 4.37 13.06
C PHE B 67 7.26 3.12 13.53
N ASP B 68 8.01 2.03 13.56
CA ASP B 68 7.54 0.71 13.95
C ASP B 68 8.14 0.39 15.32
N SER B 69 7.30 0.27 16.33
CA SER B 69 7.77 -0.04 17.68
C SER B 69 8.53 -1.37 17.73
N ASP B 70 8.51 -2.15 16.65
CA ASP B 70 9.26 -3.42 16.65
C ASP B 70 10.71 -3.11 16.29
N VAL B 71 10.91 -1.95 15.67
CA VAL B 71 12.25 -1.52 15.29
C VAL B 71 12.82 -0.59 16.36
N GLY B 72 12.00 0.33 16.86
CA GLY B 72 12.46 1.24 17.90
C GLY B 72 12.91 2.63 17.50
N GLU B 73 12.98 2.89 16.21
CA GLU B 73 13.39 4.20 15.71
C GLU B 73 12.86 4.41 14.28
N PHE B 74 12.80 5.65 13.83
CA PHE B 74 12.30 5.97 12.51
C PHE B 74 13.10 5.41 11.33
N ARG B 75 12.38 5.08 10.25
CA ARG B 75 12.96 4.55 9.02
C ARG B 75 12.29 5.21 7.83
N ALA B 76 13.10 5.58 6.83
CA ALA B 76 12.61 6.23 5.63
C ALA B 76 12.06 5.22 4.66
N VAL B 77 10.83 5.41 4.20
CA VAL B 77 10.25 4.49 3.24
C VAL B 77 10.67 4.94 1.87
N THR B 78 10.85 6.25 1.73
CA THR B 78 11.32 6.84 0.47
C THR B 78 12.35 7.90 0.82
N GLU B 79 13.09 8.36 -0.18
CA GLU B 79 14.13 9.37 0.00
C GLU B 79 13.61 10.63 0.67
N LEU B 80 12.40 11.01 0.29
CA LEU B 80 11.77 12.20 0.81
C LEU B 80 11.63 12.20 2.33
N GLY B 81 11.69 11.02 2.94
CA GLY B 81 11.56 10.94 4.39
C GLY B 81 12.89 10.74 5.12
N ARG B 82 13.96 10.58 4.35
CA ARG B 82 15.31 10.34 4.88
C ARG B 82 15.83 11.40 5.88
N PRO B 83 15.58 12.70 5.60
CA PRO B 83 16.04 13.75 6.50
C PRO B 83 15.42 13.70 7.89
N ASP B 84 14.13 13.38 7.96
CA ASP B 84 13.42 13.32 9.24
C ASP B 84 13.83 12.11 10.07
N ALA B 85 14.15 11.03 9.38
CA ALA B 85 14.59 9.80 10.03
C ALA B 85 15.86 10.14 10.81
N GLU B 86 16.83 10.72 10.11
CA GLU B 86 18.10 11.12 10.71
C GLU B 86 17.95 12.13 11.84
N ASN B 87 17.04 13.09 11.69
CA ASN B 87 16.88 14.12 12.69
C ASN B 87 16.21 13.66 14.00
N TRP B 88 15.08 12.97 13.89
CA TRP B 88 14.37 12.50 15.07
C TRP B 88 15.11 11.37 15.78
N ASN B 89 15.78 10.51 15.01
CA ASN B 89 16.50 9.41 15.61
C ASN B 89 17.68 9.95 16.43
N SER B 90 18.16 11.15 16.09
CA SER B 90 19.27 11.74 16.84
C SER B 90 18.79 12.32 18.17
N GLN B 91 17.52 12.65 18.26
CA GLN B 91 16.97 13.23 19.49
C GLN B 91 16.52 12.12 20.46
N PRO B 92 17.43 11.66 21.34
CA PRO B 92 17.10 10.62 22.30
C PRO B 92 15.91 10.96 23.19
N GLU B 93 15.72 12.26 23.44
CA GLU B 93 14.61 12.73 24.26
C GLU B 93 13.31 12.32 23.55
N PHE B 94 13.35 12.40 22.22
CA PHE B 94 12.20 12.08 21.39
C PHE B 94 12.00 10.59 21.15
N LEU B 95 13.07 9.87 20.88
CA LEU B 95 12.96 8.44 20.65
C LEU B 95 12.37 7.74 21.87
N GLU B 96 12.61 8.29 23.05
CA GLU B 96 12.08 7.72 24.28
C GLU B 96 10.59 7.95 24.34
N GLN B 97 10.18 9.19 24.11
CA GLN B 97 8.77 9.54 24.14
C GLN B 97 7.99 8.61 23.21
N LYS B 98 8.48 8.45 21.98
CA LYS B 98 7.82 7.58 21.00
C LYS B 98 7.68 6.13 21.47
N ARG B 99 8.76 5.59 22.01
CA ARG B 99 8.75 4.22 22.52
C ARG B 99 7.76 4.10 23.67
N ALA B 100 7.71 5.12 24.51
CA ALA B 100 6.81 5.12 25.65
C ALA B 100 5.35 5.14 25.23
N GLU B 101 5.07 5.70 24.07
CA GLU B 101 3.69 5.80 23.59
C GLU B 101 2.95 4.48 23.45
N VAL B 102 3.69 3.38 23.31
CA VAL B 102 3.05 2.07 23.23
C VAL B 102 2.28 1.86 24.54
N ASP B 103 2.79 2.46 25.62
CA ASP B 103 2.14 2.36 26.92
C ASP B 103 1.26 3.58 27.19
N THR B 104 1.84 4.77 27.04
CA THR B 104 1.11 6.00 27.31
C THR B 104 -0.04 6.32 26.34
N VAL B 105 -0.01 5.77 25.14
CA VAL B 105 -1.09 6.02 24.18
C VAL B 105 -1.87 4.74 23.85
N CYS B 106 -1.19 3.80 23.20
CA CYS B 106 -1.83 2.55 22.82
C CYS B 106 -2.50 1.81 23.97
N ARG B 107 -1.72 1.34 24.94
CA ARG B 107 -2.32 0.63 26.08
C ARG B 107 -3.25 1.53 26.91
N HIS B 108 -2.89 2.80 27.06
CA HIS B 108 -3.72 3.74 27.80
C HIS B 108 -5.11 3.78 27.22
N ASN B 109 -5.17 4.08 25.91
CA ASN B 109 -6.43 4.18 25.20
C ASN B 109 -7.21 2.87 25.13
N TYR B 110 -6.50 1.76 24.93
CA TYR B 110 -7.18 0.49 24.85
C TYR B 110 -7.97 0.24 26.12
N GLU B 111 -7.37 0.54 27.27
CA GLU B 111 -8.06 0.32 28.53
C GLU B 111 -9.35 1.14 28.64
N ILE B 112 -9.35 2.31 28.02
CA ILE B 112 -10.52 3.16 28.04
C ILE B 112 -11.61 2.61 27.13
N PHE B 113 -11.24 2.22 25.91
CA PHE B 113 -12.19 1.68 24.95
C PHE B 113 -12.65 0.27 25.27
N ASP B 114 -11.85 -0.46 26.03
CA ASP B 114 -12.23 -1.82 26.40
C ASP B 114 -13.51 -1.79 27.25
N ASN B 115 -13.87 -0.60 27.73
CA ASN B 115 -15.06 -0.44 28.57
C ASN B 115 -16.35 -0.25 27.77
N PHE B 116 -16.25 0.02 26.47
CA PHE B 116 -17.45 0.20 25.65
C PHE B 116 -17.35 -0.15 24.18
N LEU B 117 -16.15 -0.11 23.60
CA LEU B 117 -16.03 -0.44 22.20
C LEU B 117 -15.74 -1.91 22.03
N VAL B 118 -14.73 -2.39 22.74
CA VAL B 118 -14.37 -3.80 22.65
C VAL B 118 -15.56 -4.74 22.89
N PRO B 119 -16.47 -4.40 23.84
CA PRO B 119 -17.62 -5.27 24.10
C PRO B 119 -18.90 -4.90 23.34
N ARG B 120 -18.85 -3.88 22.49
CA ARG B 120 -20.04 -3.50 21.75
C ARG B 120 -20.64 -4.71 21.03
N ARG B 121 -21.94 -4.90 21.16
CA ARG B 121 -22.63 -6.02 20.52
C ARG B 121 -24.00 -5.61 20.04
N VAL B 122 -24.28 -5.82 18.76
CA VAL B 122 -25.59 -5.52 18.21
C VAL B 122 -26.02 -6.78 17.44
N GLU B 123 -27.14 -7.35 17.84
CA GLU B 123 -27.63 -8.57 17.21
C GLU B 123 -28.18 -8.32 15.83
N PRO B 124 -27.81 -9.19 14.87
CA PRO B 124 -28.28 -9.04 13.50
C PRO B 124 -29.76 -9.32 13.36
N THR B 125 -30.33 -8.76 12.30
CA THR B 125 -31.72 -8.98 11.98
C THR B 125 -31.63 -9.94 10.80
N VAL B 126 -32.09 -11.17 11.01
CA VAL B 126 -32.02 -12.19 9.98
C VAL B 126 -33.33 -12.46 9.24
N THR B 127 -33.25 -12.44 7.92
CA THR B 127 -34.40 -12.65 7.05
C THR B 127 -34.02 -13.50 5.84
N VAL B 128 -34.98 -14.26 5.34
CA VAL B 128 -34.75 -15.10 4.16
C VAL B 128 -35.91 -14.88 3.20
N TYR B 129 -35.62 -14.89 1.90
CA TYR B 129 -36.64 -14.70 0.88
C TYR B 129 -36.14 -15.10 -0.51
N PRO B 130 -37.08 -15.36 -1.45
CA PRO B 130 -36.80 -15.75 -2.84
C PRO B 130 -36.44 -14.53 -3.67
N THR B 131 -35.40 -14.66 -4.50
CA THR B 131 -34.94 -13.56 -5.33
C THR B 131 -35.80 -13.40 -6.59
N LYS B 132 -35.78 -12.19 -7.16
CA LYS B 132 -36.54 -11.89 -8.35
C LYS B 132 -38.03 -12.15 -8.16
N THR B 133 -38.73 -12.37 -9.27
CA THR B 133 -40.17 -12.63 -9.22
C THR B 133 -40.45 -14.13 -9.39
N GLN B 134 -41.36 -14.46 -10.30
CA GLN B 134 -41.72 -15.85 -10.54
C GLN B 134 -40.89 -16.47 -11.66
N PRO B 135 -40.78 -15.78 -12.81
CA PRO B 135 -40.00 -16.30 -13.93
C PRO B 135 -38.59 -16.72 -13.55
N LEU B 136 -38.37 -18.03 -13.46
CA LEU B 136 -37.06 -18.57 -13.11
C LEU B 136 -36.29 -18.92 -14.38
N GLU B 137 -35.51 -17.96 -14.87
CA GLU B 137 -34.72 -18.16 -16.08
C GLU B 137 -33.94 -19.47 -16.05
N HIS B 138 -32.93 -19.54 -15.19
CA HIS B 138 -32.10 -20.73 -15.08
C HIS B 138 -31.92 -21.18 -13.63
N HIS B 139 -31.91 -20.23 -12.71
CA HIS B 139 -31.72 -20.54 -11.29
C HIS B 139 -32.76 -19.86 -10.40
N ASN B 140 -32.88 -20.35 -9.17
CA ASN B 140 -33.82 -19.80 -8.20
C ASN B 140 -33.07 -19.39 -6.93
N LEU B 141 -32.52 -18.19 -6.97
CA LEU B 141 -31.75 -17.60 -5.87
C LEU B 141 -32.50 -17.42 -4.55
N LEU B 142 -31.90 -17.89 -3.47
CA LEU B 142 -32.48 -17.77 -2.13
C LEU B 142 -31.61 -16.79 -1.35
N VAL B 143 -32.22 -15.70 -0.87
CA VAL B 143 -31.49 -14.68 -0.13
C VAL B 143 -31.57 -14.76 1.39
N CYS B 144 -30.41 -14.77 2.02
CA CYS B 144 -30.40 -14.74 3.47
C CYS B 144 -29.87 -13.35 3.79
N SER B 145 -30.74 -12.50 4.33
CA SER B 145 -30.36 -11.15 4.67
C SER B 145 -30.01 -11.02 6.14
N VAL B 146 -28.76 -10.63 6.41
CA VAL B 146 -28.28 -10.47 7.78
C VAL B 146 -27.80 -9.03 7.88
N SER B 147 -28.55 -8.22 8.61
CA SER B 147 -28.20 -6.82 8.70
C SER B 147 -28.19 -6.24 10.10
N ASP B 148 -27.75 -4.99 10.17
CA ASP B 148 -27.72 -4.23 11.41
C ASP B 148 -27.01 -4.93 12.56
N PHE B 149 -25.83 -5.47 12.29
CA PHE B 149 -25.09 -6.18 13.32
C PHE B 149 -23.67 -5.64 13.57
N TYR B 150 -23.13 -5.96 14.74
CA TYR B 150 -21.77 -5.57 15.13
C TYR B 150 -21.31 -6.46 16.27
N PRO B 151 -20.03 -6.89 16.27
CA PRO B 151 -18.94 -6.64 15.33
C PRO B 151 -19.15 -7.35 14.00
N GLY B 152 -18.12 -7.27 13.13
CA GLY B 152 -18.19 -7.89 11.82
C GLY B 152 -18.00 -9.40 11.81
N ASN B 153 -17.52 -9.95 12.92
CA ASN B 153 -17.27 -11.39 13.06
C ASN B 153 -18.59 -12.16 12.90
N ILE B 154 -18.81 -12.75 11.73
CA ILE B 154 -20.06 -13.45 11.52
C ILE B 154 -19.95 -14.65 10.58
N GLU B 155 -20.79 -15.64 10.80
CA GLU B 155 -20.80 -16.83 9.95
C GLU B 155 -22.22 -17.03 9.41
N VAL B 156 -22.36 -17.01 8.10
CA VAL B 156 -23.66 -17.20 7.47
C VAL B 156 -23.59 -18.40 6.55
N ARG B 157 -24.33 -19.44 6.90
CA ARG B 157 -24.33 -20.66 6.11
C ARG B 157 -25.71 -21.16 5.72
N TRP B 158 -25.77 -21.78 4.53
CA TRP B 158 -27.00 -22.35 4.00
C TRP B 158 -27.00 -23.86 4.15
N PHE B 159 -28.18 -24.42 4.38
CA PHE B 159 -28.33 -25.85 4.50
C PHE B 159 -29.53 -26.35 3.69
N ARG B 160 -29.35 -27.50 3.05
CA ARG B 160 -30.41 -28.13 2.27
C ARG B 160 -30.67 -29.46 2.97
N ASN B 161 -31.79 -29.54 3.67
CA ASN B 161 -32.12 -30.76 4.41
C ASN B 161 -30.93 -31.17 5.28
N GLY B 162 -30.45 -30.25 6.10
CA GLY B 162 -29.34 -30.54 6.98
C GLY B 162 -27.94 -30.44 6.39
N LYS B 163 -27.80 -30.65 5.09
CA LYS B 163 -26.49 -30.57 4.44
C LYS B 163 -26.12 -29.14 4.12
N GLU B 164 -24.88 -28.76 4.40
CA GLU B 164 -24.43 -27.40 4.13
C GLU B 164 -24.10 -27.20 2.65
N GLU B 165 -24.80 -26.27 2.01
CA GLU B 165 -24.58 -25.98 0.60
C GLU B 165 -23.33 -25.11 0.42
N LYS B 166 -22.30 -25.68 -0.18
CA LYS B 166 -21.06 -24.96 -0.41
C LYS B 166 -21.11 -24.17 -1.72
N THR B 167 -21.14 -24.87 -2.84
CA THR B 167 -21.21 -24.19 -4.12
C THR B 167 -22.59 -23.56 -4.24
N GLY B 168 -22.75 -22.65 -5.20
CA GLY B 168 -24.03 -22.01 -5.39
C GLY B 168 -24.26 -20.86 -4.42
N ILE B 169 -23.23 -20.53 -3.64
CA ILE B 169 -23.30 -19.44 -2.68
C ILE B 169 -22.79 -18.15 -3.32
N VAL B 170 -23.62 -17.11 -3.24
CA VAL B 170 -23.29 -15.80 -3.79
C VAL B 170 -23.46 -14.76 -2.68
N SER B 171 -22.35 -14.12 -2.29
CA SER B 171 -22.41 -13.14 -1.22
C SER B 171 -21.91 -11.75 -1.62
N THR B 172 -22.41 -10.74 -0.91
CA THR B 172 -22.00 -9.36 -1.14
C THR B 172 -20.82 -9.12 -0.22
N GLY B 173 -20.50 -10.14 0.57
CA GLY B 173 -19.42 -9.99 1.52
C GLY B 173 -19.88 -9.11 2.66
N LEU B 174 -18.95 -8.75 3.54
CA LEU B 174 -19.26 -7.91 4.67
C LEU B 174 -19.35 -6.44 4.25
N VAL B 175 -20.48 -5.79 4.53
CA VAL B 175 -20.67 -4.38 4.18
C VAL B 175 -20.67 -3.49 5.43
N ARG B 176 -19.77 -2.52 5.44
CA ARG B 176 -19.63 -1.59 6.56
C ARG B 176 -20.46 -0.34 6.25
N ASN B 177 -21.38 0.00 7.15
CA ASN B 177 -22.27 1.15 7.00
C ASN B 177 -21.65 2.48 7.46
N GLY B 178 -20.52 2.41 8.14
CA GLY B 178 -19.87 3.61 8.63
C GLY B 178 -20.44 4.15 9.93
N ASP B 179 -21.53 3.54 10.40
CA ASP B 179 -22.16 3.98 11.64
C ASP B 179 -22.03 2.93 12.73
N TRP B 180 -21.05 2.06 12.60
CA TRP B 180 -20.79 0.97 13.56
C TRP B 180 -21.76 -0.21 13.44
N THR B 181 -22.20 -0.48 12.22
CA THR B 181 -23.08 -1.62 11.96
C THR B 181 -22.66 -2.17 10.63
N PHE B 182 -22.90 -3.45 10.42
CA PHE B 182 -22.56 -4.12 9.17
C PHE B 182 -23.84 -4.76 8.65
N GLN B 183 -23.77 -5.25 7.42
CA GLN B 183 -24.87 -5.94 6.79
C GLN B 183 -24.27 -6.83 5.70
N THR B 184 -24.98 -7.90 5.37
CA THR B 184 -24.52 -8.78 4.32
C THR B 184 -25.69 -9.58 3.77
N LEU B 185 -25.55 -10.00 2.51
CA LEU B 185 -26.54 -10.82 1.84
C LEU B 185 -25.79 -12.06 1.40
N VAL B 186 -26.30 -13.23 1.77
CA VAL B 186 -25.67 -14.48 1.37
C VAL B 186 -26.75 -15.24 0.61
N MET B 187 -26.56 -15.35 -0.69
CA MET B 187 -27.55 -16.00 -1.53
C MET B 187 -27.19 -17.41 -1.98
N LEU B 188 -28.20 -18.27 -1.97
CA LEU B 188 -28.04 -19.66 -2.39
C LEU B 188 -28.70 -19.91 -3.73
N GLU B 189 -27.99 -20.59 -4.62
CA GLU B 189 -28.50 -20.92 -5.94
C GLU B 189 -28.86 -22.41 -5.89
N THR B 190 -30.14 -22.74 -6.11
CA THR B 190 -30.54 -24.13 -6.06
C THR B 190 -31.59 -24.57 -7.05
N VAL B 191 -31.94 -25.86 -6.97
CA VAL B 191 -32.92 -26.48 -7.84
C VAL B 191 -33.79 -27.41 -6.98
N PRO B 192 -34.78 -26.83 -6.27
CA PRO B 192 -35.70 -27.56 -5.39
C PRO B 192 -36.35 -28.79 -6.00
N GLN B 193 -36.73 -29.74 -5.15
CA GLN B 193 -37.35 -30.97 -5.59
C GLN B 193 -38.82 -31.07 -5.17
N SER B 194 -39.06 -31.11 -3.87
CA SER B 194 -40.42 -31.19 -3.35
C SER B 194 -40.48 -30.82 -1.88
N GLY B 195 -40.19 -31.78 -1.02
CA GLY B 195 -40.20 -31.52 0.41
C GLY B 195 -38.83 -31.10 0.89
N GLU B 196 -38.09 -30.46 -0.01
CA GLU B 196 -36.74 -29.99 0.26
C GLU B 196 -36.78 -28.76 1.16
N VAL B 197 -36.10 -28.84 2.31
CA VAL B 197 -36.08 -27.72 3.24
C VAL B 197 -34.71 -27.03 3.30
N TYR B 198 -34.72 -25.72 3.10
CA TYR B 198 -33.51 -24.91 3.14
C TYR B 198 -33.47 -24.10 4.41
N THR B 199 -32.28 -23.97 4.99
CA THR B 199 -32.13 -23.21 6.22
C THR B 199 -30.91 -22.30 6.20
N CYS B 200 -31.09 -21.11 6.76
CA CYS B 200 -29.99 -20.15 6.86
C CYS B 200 -29.62 -20.09 8.34
N GLN B 201 -28.38 -20.42 8.63
CA GLN B 201 -27.88 -20.40 10.00
C GLN B 201 -26.94 -19.21 10.16
N VAL B 202 -27.14 -18.47 11.25
CA VAL B 202 -26.29 -17.32 11.51
C VAL B 202 -25.63 -17.41 12.89
N GLU B 203 -24.30 -17.38 12.89
CA GLU B 203 -23.53 -17.41 14.12
C GLU B 203 -22.86 -16.04 14.22
N HIS B 204 -22.84 -15.49 15.42
CA HIS B 204 -22.29 -14.17 15.69
C HIS B 204 -22.12 -14.04 17.20
N PRO B 205 -21.07 -13.35 17.65
CA PRO B 205 -20.82 -13.17 19.09
C PRO B 205 -21.97 -12.63 19.93
N SER B 206 -22.81 -11.78 19.33
CA SER B 206 -23.94 -11.22 20.07
C SER B 206 -24.94 -12.30 20.44
N LEU B 207 -24.91 -13.39 19.68
CA LEU B 207 -25.82 -14.50 19.89
C LEU B 207 -25.39 -15.51 20.95
N THR B 208 -26.38 -16.01 21.68
CA THR B 208 -26.14 -17.02 22.71
C THR B 208 -26.31 -18.37 22.04
N ASP B 209 -27.09 -18.38 20.96
CA ASP B 209 -27.37 -19.57 20.17
C ASP B 209 -27.47 -19.20 18.69
N PRO B 210 -27.05 -20.10 17.79
CA PRO B 210 -27.13 -19.80 16.37
C PRO B 210 -28.56 -19.40 16.03
N VAL B 211 -28.73 -18.66 14.95
CA VAL B 211 -30.07 -18.26 14.53
C VAL B 211 -30.38 -18.92 13.20
N THR B 212 -31.49 -19.64 13.14
CA THR B 212 -31.87 -20.33 11.92
C THR B 212 -33.21 -19.84 11.39
N VAL B 213 -33.32 -19.77 10.06
CA VAL B 213 -34.52 -19.34 9.37
C VAL B 213 -34.72 -20.29 8.21
N GLU B 214 -35.90 -20.90 8.15
CA GLU B 214 -36.17 -21.87 7.10
C GLU B 214 -36.98 -21.31 5.96
N TRP B 215 -36.95 -22.04 4.86
CA TRP B 215 -37.70 -21.69 3.67
C TRP B 215 -37.95 -22.97 2.90
N ILE C 1 26.50 -2.69 16.55
CA ILE C 1 25.84 -2.65 15.21
C ILE C 1 24.37 -3.09 15.29
N LYS C 2 23.72 -3.10 14.13
CA LYS C 2 22.31 -3.49 14.04
C LYS C 2 22.03 -3.86 12.59
N GLU C 3 22.35 -5.10 12.23
CA GLU C 3 22.14 -5.58 10.87
C GLU C 3 20.66 -5.71 10.51
N GLU C 4 20.12 -4.65 9.91
CA GLU C 4 18.73 -4.61 9.50
C GLU C 4 18.66 -5.01 8.03
N HIS C 5 17.95 -6.09 7.75
CA HIS C 5 17.83 -6.57 6.38
C HIS C 5 16.49 -7.21 6.10
N THR C 6 16.20 -7.40 4.81
CA THR C 6 14.95 -7.99 4.39
C THR C 6 15.14 -8.97 3.24
N ILE C 7 14.50 -10.13 3.34
CA ILE C 7 14.56 -11.12 2.27
C ILE C 7 13.13 -11.30 1.79
N ILE C 8 12.95 -11.39 0.47
CA ILE C 8 11.60 -11.54 -0.07
C ILE C 8 11.49 -12.52 -1.22
N GLN C 9 10.56 -13.45 -1.07
CA GLN C 9 10.28 -14.43 -2.11
C GLN C 9 9.02 -13.88 -2.78
N ALA C 10 9.15 -13.51 -4.04
CA ALA C 10 8.02 -12.98 -4.78
C ALA C 10 7.72 -13.94 -5.91
N GLU C 11 6.45 -14.29 -6.04
CA GLU C 11 6.03 -15.23 -7.06
C GLU C 11 4.63 -14.86 -7.49
N PHE C 12 4.23 -15.35 -8.65
CA PHE C 12 2.91 -15.05 -9.15
C PHE C 12 2.60 -15.84 -10.40
N TYR C 13 1.35 -15.79 -10.82
CA TYR C 13 0.92 -16.43 -12.06
C TYR C 13 -0.06 -15.45 -12.67
N LEU C 14 0.11 -15.20 -13.96
CA LEU C 14 -0.71 -14.24 -14.66
C LEU C 14 -1.51 -14.79 -15.83
N LEU C 15 -2.78 -14.39 -15.88
CA LEU C 15 -3.67 -14.78 -16.98
C LEU C 15 -4.14 -13.49 -17.64
N PRO C 16 -4.49 -13.54 -18.93
CA PRO C 16 -4.48 -14.70 -19.83
C PRO C 16 -3.12 -15.11 -20.37
N ASP C 17 -2.11 -14.32 -20.07
CA ASP C 17 -0.74 -14.58 -20.55
C ASP C 17 -0.17 -15.95 -20.25
N LYS C 18 -0.68 -16.58 -19.18
CA LYS C 18 -0.18 -17.88 -18.77
C LYS C 18 1.31 -17.70 -18.54
N ARG C 19 1.64 -16.76 -17.65
CA ARG C 19 3.00 -16.43 -17.29
C ARG C 19 3.21 -16.48 -15.77
N GLY C 20 4.37 -16.96 -15.35
CA GLY C 20 4.67 -17.04 -13.94
C GLY C 20 6.05 -16.47 -13.67
N GLU C 21 6.41 -16.45 -12.40
CA GLU C 21 7.71 -15.96 -11.95
C GLU C 21 7.93 -16.37 -10.50
N PHE C 22 9.20 -16.54 -10.14
CA PHE C 22 9.62 -16.88 -8.79
C PHE C 22 11.00 -16.28 -8.66
N MET C 23 11.17 -15.41 -7.67
CA MET C 23 12.44 -14.76 -7.45
C MET C 23 12.62 -14.41 -5.99
N PHE C 24 13.86 -14.25 -5.59
CA PHE C 24 14.19 -13.87 -4.23
C PHE C 24 14.74 -12.47 -4.33
N ASP C 25 14.44 -11.67 -3.32
CA ASP C 25 14.87 -10.27 -3.26
C ASP C 25 15.61 -10.05 -1.96
N PHE C 26 16.74 -9.36 -2.02
CA PHE C 26 17.52 -9.05 -0.82
C PHE C 26 17.68 -7.53 -0.71
N ASP C 27 17.09 -6.94 0.33
CA ASP C 27 17.16 -5.50 0.57
C ASP C 27 16.90 -4.67 -0.69
N GLY C 28 15.94 -5.09 -1.51
CA GLY C 28 15.63 -4.32 -2.71
C GLY C 28 16.21 -4.85 -3.99
N ASP C 29 17.22 -5.71 -3.89
CA ASP C 29 17.86 -6.27 -5.08
C ASP C 29 17.62 -7.76 -5.21
N GLU C 30 17.43 -8.20 -6.46
CA GLU C 30 17.20 -9.60 -6.77
C GLU C 30 18.41 -10.48 -6.52
N ILE C 31 18.21 -11.53 -5.73
CA ILE C 31 19.25 -12.51 -5.42
C ILE C 31 19.30 -13.52 -6.56
N PHE C 32 18.14 -13.81 -7.13
CA PHE C 32 18.00 -14.77 -8.22
C PHE C 32 16.53 -15.01 -8.56
N HIS C 33 16.28 -15.57 -9.73
CA HIS C 33 14.92 -15.91 -10.14
C HIS C 33 15.00 -17.22 -10.90
N VAL C 34 13.87 -17.86 -11.12
CA VAL C 34 13.89 -19.13 -11.82
C VAL C 34 13.34 -19.03 -13.24
N ASP C 35 14.21 -19.31 -14.21
CA ASP C 35 13.81 -19.29 -15.61
C ASP C 35 12.80 -20.42 -15.78
N ILE C 36 11.56 -20.08 -16.14
CA ILE C 36 10.52 -21.08 -16.31
C ILE C 36 10.76 -22.06 -17.46
N GLU C 37 11.02 -21.53 -18.66
CA GLU C 37 11.27 -22.37 -19.84
C GLU C 37 12.48 -23.29 -19.70
N LYS C 38 13.53 -22.80 -19.06
CA LYS C 38 14.75 -23.58 -18.89
C LYS C 38 14.76 -24.32 -17.57
N SER C 39 13.82 -23.99 -16.69
CA SER C 39 13.75 -24.63 -15.39
C SER C 39 15.05 -24.50 -14.60
N GLU C 40 15.70 -23.34 -14.68
CA GLU C 40 16.95 -23.16 -13.93
C GLU C 40 17.05 -21.91 -13.09
N THR C 41 17.98 -21.94 -12.15
CA THR C 41 18.21 -20.82 -11.25
C THR C 41 19.17 -19.84 -11.88
N ILE C 42 18.66 -18.66 -12.24
CA ILE C 42 19.49 -17.63 -12.85
C ILE C 42 19.88 -16.61 -11.79
N TRP C 43 21.15 -16.61 -11.39
CA TRP C 43 21.61 -15.66 -10.38
C TRP C 43 21.74 -14.25 -10.99
N ARG C 44 21.46 -13.24 -10.18
CA ARG C 44 21.55 -11.85 -10.65
C ARG C 44 22.99 -11.49 -11.00
N LEU C 45 23.90 -11.88 -10.12
CA LEU C 45 25.33 -11.66 -10.29
C LEU C 45 26.02 -13.00 -10.25
N GLU C 46 26.68 -13.35 -11.35
CA GLU C 46 27.40 -14.61 -11.48
C GLU C 46 28.16 -15.07 -10.24
N GLU C 47 28.68 -14.14 -9.46
CA GLU C 47 29.46 -14.51 -8.28
C GLU C 47 28.69 -15.24 -7.17
N PHE C 48 27.40 -14.98 -7.06
CA PHE C 48 26.59 -15.60 -6.01
C PHE C 48 26.57 -17.12 -6.18
N ALA C 49 26.53 -17.57 -7.42
CA ALA C 49 26.47 -18.99 -7.76
C ALA C 49 27.40 -19.88 -6.97
N LYS C 50 28.49 -19.35 -6.46
CA LYS C 50 29.41 -20.18 -5.68
C LYS C 50 29.13 -20.18 -4.18
N PHE C 51 28.20 -19.35 -3.72
CA PHE C 51 27.90 -19.29 -2.29
C PHE C 51 26.61 -20.00 -1.93
N ALA C 52 25.88 -20.43 -2.94
CA ALA C 52 24.62 -21.10 -2.67
C ALA C 52 24.06 -21.82 -3.89
N SER C 53 22.95 -22.50 -3.65
CA SER C 53 22.25 -23.22 -4.69
C SER C 53 20.78 -23.18 -4.33
N PHE C 54 19.92 -23.46 -5.30
CA PHE C 54 18.50 -23.48 -5.07
C PHE C 54 17.92 -24.53 -6.00
N GLU C 55 16.86 -25.18 -5.56
CA GLU C 55 16.19 -26.19 -6.36
C GLU C 55 15.09 -25.54 -7.20
N ALA C 56 15.36 -25.34 -8.48
CA ALA C 56 14.40 -24.72 -9.37
C ALA C 56 13.05 -25.44 -9.41
N GLN C 57 13.05 -26.76 -9.29
CA GLN C 57 11.81 -27.51 -9.34
C GLN C 57 10.87 -27.16 -8.19
N GLY C 58 11.43 -26.86 -7.02
CA GLY C 58 10.60 -26.51 -5.89
C GLY C 58 9.84 -25.23 -6.24
N ALA C 59 10.53 -24.30 -6.88
CA ALA C 59 9.93 -23.03 -7.28
C ALA C 59 8.80 -23.26 -8.27
N LEU C 60 9.00 -24.18 -9.21
CA LEU C 60 7.98 -24.47 -10.20
C LEU C 60 6.71 -25.06 -9.57
N ALA C 61 6.87 -25.74 -8.44
CA ALA C 61 5.76 -26.34 -7.72
C ALA C 61 4.93 -25.21 -7.13
N ASN C 62 5.64 -24.22 -6.58
CA ASN C 62 5.00 -23.05 -5.99
C ASN C 62 4.16 -22.29 -7.03
N ILE C 63 4.71 -22.13 -8.22
CA ILE C 63 4.01 -21.45 -9.27
C ILE C 63 2.83 -22.31 -9.72
N ALA C 64 2.98 -23.62 -9.62
CA ALA C 64 1.91 -24.51 -10.01
C ALA C 64 0.74 -24.26 -9.06
N VAL C 65 1.04 -24.08 -7.78
CA VAL C 65 -0.01 -23.82 -6.81
C VAL C 65 -0.65 -22.43 -7.08
N ASP C 66 0.16 -21.42 -7.35
CA ASP C 66 -0.39 -20.09 -7.63
C ASP C 66 -1.30 -20.17 -8.85
N LYS C 67 -0.93 -21.00 -9.81
CA LYS C 67 -1.72 -21.17 -11.00
C LYS C 67 -3.09 -21.73 -10.60
N ALA C 68 -3.05 -22.74 -9.74
CA ALA C 68 -4.28 -23.35 -9.30
C ALA C 68 -5.10 -22.32 -8.50
N ASN C 69 -4.44 -21.70 -7.51
CA ASN C 69 -5.09 -20.69 -6.67
C ASN C 69 -5.65 -19.55 -7.50
N LEU C 70 -4.97 -19.20 -8.59
CA LEU C 70 -5.47 -18.14 -9.45
C LEU C 70 -6.87 -18.50 -9.92
N ASP C 71 -7.05 -19.70 -10.45
CA ASP C 71 -8.37 -20.14 -10.92
C ASP C 71 -9.43 -20.04 -9.82
N VAL C 72 -9.04 -20.37 -8.58
CA VAL C 72 -9.95 -20.30 -7.46
C VAL C 72 -10.42 -18.86 -7.25
N MET C 73 -9.48 -17.91 -7.33
CA MET C 73 -9.79 -16.50 -7.14
C MET C 73 -10.69 -15.98 -8.25
N LYS C 74 -10.39 -16.32 -9.50
CA LYS C 74 -11.23 -15.86 -10.60
C LYS C 74 -12.66 -16.34 -10.36
N GLU C 75 -12.79 -17.59 -9.95
CA GLU C 75 -14.10 -18.17 -9.67
C GLU C 75 -14.78 -17.37 -8.55
N ARG C 76 -14.05 -17.18 -7.45
CA ARG C 76 -14.52 -16.45 -6.27
C ARG C 76 -14.85 -14.99 -6.56
N SER C 77 -14.01 -14.32 -7.35
CA SER C 77 -14.27 -12.92 -7.67
C SER C 77 -15.21 -12.84 -8.85
N ASN C 78 -15.71 -14.01 -9.26
CA ASN C 78 -16.62 -14.10 -10.40
C ASN C 78 -15.96 -13.52 -11.65
N ASN C 79 -14.66 -13.75 -11.77
CA ASN C 79 -13.87 -13.27 -12.90
C ASN C 79 -13.96 -11.77 -13.12
N THR C 80 -14.05 -11.02 -12.03
CA THR C 80 -14.11 -9.57 -12.14
C THR C 80 -12.69 -9.01 -12.07
N PRO C 81 -12.28 -8.24 -13.09
CA PRO C 81 -10.93 -7.69 -13.09
C PRO C 81 -10.84 -6.22 -12.62
N ASP C 82 -9.62 -5.76 -12.39
CA ASP C 82 -9.36 -4.38 -11.99
C ASP C 82 -8.83 -3.63 -13.19
N ALA C 83 -8.43 -2.38 -12.99
CA ALA C 83 -7.90 -1.60 -14.09
C ALA C 83 -6.41 -1.88 -14.27
N ASN C 84 -5.89 -1.56 -15.46
CA ASN C 84 -4.47 -1.72 -15.74
C ASN C 84 -3.80 -0.49 -15.15
N VAL C 85 -2.64 -0.67 -14.54
CA VAL C 85 -1.91 0.45 -13.97
C VAL C 85 -0.64 0.74 -14.77
N ALA C 86 -0.72 1.73 -15.65
CA ALA C 86 0.39 2.13 -16.50
C ALA C 86 1.64 2.44 -15.71
N PRO C 87 2.81 2.21 -16.32
CA PRO C 87 4.12 2.45 -15.70
C PRO C 87 4.72 3.84 -15.84
N GLU C 88 5.70 4.12 -15.01
CA GLU C 88 6.43 5.37 -15.07
C GLU C 88 7.79 5.00 -15.66
N VAL C 89 8.24 5.74 -16.67
CA VAL C 89 9.53 5.43 -17.28
C VAL C 89 10.58 6.53 -17.06
N THR C 90 11.83 6.10 -16.85
CA THR C 90 12.95 6.99 -16.60
C THR C 90 14.24 6.46 -17.21
N VAL C 91 14.78 7.17 -18.19
CA VAL C 91 16.03 6.75 -18.80
C VAL C 91 17.16 7.56 -18.19
N LEU C 92 18.15 6.87 -17.65
CA LEU C 92 19.29 7.53 -17.03
C LEU C 92 20.51 6.66 -17.31
N SER C 93 21.65 7.03 -16.72
CA SER C 93 22.87 6.30 -16.91
C SER C 93 23.41 5.70 -15.62
N ARG C 94 24.17 4.62 -15.76
CA ARG C 94 24.75 3.90 -14.64
C ARG C 94 25.93 4.65 -14.01
N SER C 95 26.63 5.44 -14.82
CA SER C 95 27.78 6.21 -14.37
C SER C 95 27.76 7.55 -15.07
N PRO C 96 28.64 8.47 -14.65
CA PRO C 96 28.70 9.79 -15.28
C PRO C 96 29.12 9.51 -16.72
N VAL C 97 28.61 10.28 -17.67
CA VAL C 97 28.94 10.06 -19.07
C VAL C 97 30.15 10.83 -19.57
N ASN C 98 31.22 10.10 -19.86
CA ASN C 98 32.46 10.67 -20.37
C ASN C 98 32.79 10.08 -21.74
N LEU C 99 32.81 10.94 -22.76
CA LEU C 99 33.10 10.51 -24.13
C LEU C 99 34.19 9.45 -24.23
N GLY C 100 33.89 8.37 -24.96
CA GLY C 100 34.85 7.30 -25.13
C GLY C 100 34.91 6.29 -24.00
N GLU C 101 34.23 6.55 -22.90
CA GLU C 101 34.24 5.62 -21.78
C GLU C 101 32.98 4.76 -21.85
N PRO C 102 33.16 3.42 -21.88
CA PRO C 102 32.03 2.49 -21.95
C PRO C 102 30.99 2.78 -20.87
N ASN C 103 29.72 2.85 -21.26
CA ASN C 103 28.66 3.11 -20.29
C ASN C 103 27.38 2.31 -20.55
N ILE C 104 26.41 2.49 -19.67
CA ILE C 104 25.12 1.79 -19.75
C ILE C 104 23.91 2.68 -19.43
N LEU C 105 22.92 2.66 -20.33
CA LEU C 105 21.70 3.42 -20.15
C LEU C 105 20.65 2.54 -19.45
N ILE C 106 20.13 3.02 -18.32
CA ILE C 106 19.13 2.30 -17.53
C ILE C 106 17.72 2.79 -17.85
N CYS C 107 16.83 1.89 -18.24
CA CYS C 107 15.46 2.28 -18.53
C CYS C 107 14.55 1.76 -17.41
N PHE C 108 14.44 2.52 -16.33
CA PHE C 108 13.63 2.14 -15.19
C PHE C 108 12.12 2.20 -15.42
N ILE C 109 11.46 1.05 -15.34
CA ILE C 109 10.00 0.96 -15.52
C ILE C 109 9.40 0.69 -14.13
N ASP C 110 8.60 1.64 -13.65
CA ASP C 110 8.09 1.55 -12.31
C ASP C 110 6.58 1.70 -12.11
N LYS C 111 6.11 1.24 -10.95
CA LYS C 111 4.71 1.36 -10.56
C LYS C 111 3.65 0.85 -11.56
N PHE C 112 3.81 -0.34 -12.09
CA PHE C 112 2.82 -0.86 -13.03
C PHE C 112 2.32 -2.27 -12.71
N SER C 113 1.19 -2.62 -13.31
CA SER C 113 0.59 -3.93 -13.15
C SER C 113 -0.53 -4.01 -14.19
N PRO C 114 -0.75 -5.18 -14.80
CA PRO C 114 -0.09 -6.47 -14.63
C PRO C 114 1.40 -6.48 -14.98
N PRO C 115 2.12 -7.50 -14.51
CA PRO C 115 3.55 -7.63 -14.77
C PRO C 115 3.85 -8.15 -16.17
N VAL C 116 3.49 -7.37 -17.17
CA VAL C 116 3.75 -7.70 -18.57
C VAL C 116 4.00 -6.38 -19.28
N VAL C 117 5.11 -6.30 -20.01
CA VAL C 117 5.45 -5.08 -20.72
C VAL C 117 6.32 -5.37 -21.93
N ASN C 118 6.28 -4.48 -22.92
CA ASN C 118 7.11 -4.63 -24.11
C ASN C 118 8.03 -3.42 -24.16
N VAL C 119 9.33 -3.67 -24.19
CA VAL C 119 10.31 -2.60 -24.24
C VAL C 119 11.21 -2.65 -25.45
N THR C 120 11.50 -1.49 -26.01
CA THR C 120 12.34 -1.39 -27.18
C THR C 120 13.31 -0.23 -27.02
N TRP C 121 14.59 -0.50 -27.29
CA TRP C 121 15.60 0.54 -27.20
C TRP C 121 15.81 1.09 -28.61
N LEU C 122 16.01 2.41 -28.70
CA LEU C 122 16.24 3.04 -29.98
C LEU C 122 17.46 3.94 -29.95
N ARG C 123 18.36 3.74 -30.92
CA ARG C 123 19.58 4.53 -31.05
C ARG C 123 19.43 5.27 -32.36
N ASN C 124 19.21 6.58 -32.26
CA ASN C 124 19.01 7.43 -33.44
C ASN C 124 17.76 6.98 -34.17
N GLY C 125 16.72 6.67 -33.39
CA GLY C 125 15.45 6.26 -33.96
C GLY C 125 15.39 4.82 -34.45
N ARG C 126 16.48 4.08 -34.27
CA ARG C 126 16.51 2.68 -34.72
C ARG C 126 16.52 1.69 -33.55
N PRO C 127 15.74 0.60 -33.68
CA PRO C 127 15.64 -0.45 -32.65
C PRO C 127 16.98 -1.18 -32.45
N VAL C 128 17.54 -1.09 -31.25
CA VAL C 128 18.80 -1.74 -30.93
C VAL C 128 18.57 -3.09 -30.26
N THR C 129 19.10 -4.16 -30.85
CA THR C 129 18.93 -5.51 -30.29
C THR C 129 20.22 -6.08 -29.72
N GLU C 130 21.26 -5.26 -29.59
CA GLU C 130 22.53 -5.74 -29.07
C GLU C 130 23.04 -4.95 -27.87
N GLY C 131 23.74 -5.63 -26.97
CA GLY C 131 24.25 -4.99 -25.77
C GLY C 131 23.10 -4.61 -24.87
N VAL C 132 21.92 -5.17 -25.16
CA VAL C 132 20.72 -4.91 -24.39
C VAL C 132 20.38 -6.10 -23.50
N SER C 133 20.07 -5.82 -22.24
CA SER C 133 19.68 -6.86 -21.29
C SER C 133 18.51 -6.34 -20.45
N GLU C 134 17.87 -7.23 -19.70
CA GLU C 134 16.73 -6.85 -18.88
C GLU C 134 16.54 -7.75 -17.66
N THR C 135 15.75 -7.28 -16.70
CA THR C 135 15.48 -8.03 -15.48
C THR C 135 14.06 -8.59 -15.49
N VAL C 136 13.76 -9.39 -14.49
CA VAL C 136 12.42 -9.96 -14.38
C VAL C 136 11.63 -8.91 -13.60
N PHE C 137 10.33 -9.10 -13.47
CA PHE C 137 9.52 -8.15 -12.74
C PHE C 137 9.92 -8.16 -11.26
N LEU C 138 10.28 -6.99 -10.74
CA LEU C 138 10.75 -6.90 -9.36
C LEU C 138 9.68 -6.36 -8.43
N PRO C 139 9.65 -6.86 -7.18
CA PRO C 139 8.67 -6.42 -6.19
C PRO C 139 8.93 -5.03 -5.61
N ARG C 140 7.85 -4.26 -5.44
CA ARG C 140 7.94 -2.94 -4.85
C ARG C 140 7.42 -3.13 -3.44
N ASP C 141 7.24 -2.04 -2.71
CA ASP C 141 6.73 -2.17 -1.34
C ASP C 141 5.25 -2.48 -1.36
N ASP C 142 4.57 -2.05 -2.41
CA ASP C 142 3.14 -2.28 -2.56
C ASP C 142 2.84 -3.48 -3.44
N HIS C 143 1.72 -3.40 -4.16
CA HIS C 143 1.24 -4.45 -5.05
C HIS C 143 1.77 -4.30 -6.48
N LEU C 144 2.47 -3.20 -6.75
CA LEU C 144 2.99 -2.90 -8.09
C LEU C 144 4.43 -3.39 -8.39
N PHE C 145 4.72 -3.53 -9.67
CA PHE C 145 6.04 -4.00 -10.09
C PHE C 145 6.94 -2.93 -10.72
N ARG C 146 8.24 -3.22 -10.75
CA ARG C 146 9.22 -2.34 -11.36
C ARG C 146 10.12 -3.25 -12.18
N LYS C 147 10.74 -2.70 -13.22
CA LYS C 147 11.57 -3.48 -14.11
C LYS C 147 12.69 -2.66 -14.73
N PHE C 148 13.88 -3.23 -14.83
CA PHE C 148 14.99 -2.52 -15.42
C PHE C 148 15.32 -3.07 -16.81
N HIS C 149 15.85 -2.20 -17.66
CA HIS C 149 16.29 -2.58 -18.99
C HIS C 149 17.59 -1.84 -19.21
N TYR C 150 18.53 -2.49 -19.87
CA TYR C 150 19.84 -1.89 -20.07
C TYR C 150 20.30 -1.85 -21.53
N LEU C 151 21.20 -0.91 -21.82
CA LEU C 151 21.75 -0.73 -23.15
C LEU C 151 23.19 -0.24 -23.08
N THR C 152 24.14 -1.13 -23.33
CA THR C 152 25.55 -0.73 -23.30
C THR C 152 25.78 0.20 -24.47
N PHE C 153 26.46 1.31 -24.22
CA PHE C 153 26.73 2.25 -25.30
C PHE C 153 28.05 3.01 -25.12
N LEU C 154 28.49 3.64 -26.19
CA LEU C 154 29.72 4.42 -26.15
C LEU C 154 29.35 5.90 -26.32
N PRO C 155 29.56 6.70 -25.26
CA PRO C 155 29.26 8.13 -25.22
C PRO C 155 29.79 8.89 -26.45
N SER C 156 28.89 9.63 -27.10
CA SER C 156 29.27 10.39 -28.27
C SER C 156 28.16 11.39 -28.61
N THR C 157 28.45 12.67 -28.43
CA THR C 157 27.50 13.76 -28.68
C THR C 157 26.68 13.58 -29.95
N ASP C 158 27.22 12.82 -30.90
CA ASP C 158 26.57 12.59 -32.18
C ASP C 158 25.35 11.67 -32.07
N ASP C 159 25.04 11.21 -30.86
CA ASP C 159 23.91 10.32 -30.67
C ASP C 159 22.91 10.70 -29.58
N PHE C 160 21.76 10.03 -29.66
CA PHE C 160 20.66 10.21 -28.72
C PHE C 160 19.91 8.86 -28.62
N TYR C 161 19.42 8.54 -27.44
CA TYR C 161 18.70 7.28 -27.25
C TYR C 161 17.30 7.47 -26.68
N ASP C 162 16.43 6.49 -26.94
CA ASP C 162 15.06 6.51 -26.46
C ASP C 162 14.53 5.13 -26.09
N CYS C 163 13.93 5.04 -24.91
CA CYS C 163 13.34 3.79 -24.42
C CYS C 163 11.83 3.89 -24.61
N GLU C 164 11.30 3.07 -25.51
CA GLU C 164 9.86 3.07 -25.76
C GLU C 164 9.27 1.89 -24.98
N VAL C 165 8.30 2.19 -24.13
CA VAL C 165 7.65 1.19 -23.32
C VAL C 165 6.17 1.08 -23.66
N ASP C 166 5.67 -0.14 -23.75
CA ASP C 166 4.27 -0.35 -24.05
C ASP C 166 3.66 -1.25 -23.00
N HIS C 167 2.49 -0.84 -22.50
CA HIS C 167 1.75 -1.56 -21.46
C HIS C 167 0.26 -1.48 -21.75
N TRP C 168 -0.50 -2.46 -21.25
CA TRP C 168 -1.94 -2.46 -21.50
C TRP C 168 -2.64 -1.30 -20.79
N GLY C 169 -1.90 -0.56 -19.98
CA GLY C 169 -2.48 0.57 -19.28
C GLY C 169 -2.23 1.89 -19.98
N LEU C 170 -1.52 1.81 -21.09
CA LEU C 170 -1.18 2.99 -21.88
C LEU C 170 -2.04 3.12 -23.13
N GLU C 171 -2.44 4.34 -23.45
CA GLU C 171 -3.23 4.56 -24.65
C GLU C 171 -2.28 4.43 -25.84
N GLU C 172 -1.05 4.92 -25.64
CA GLU C 172 0.00 4.90 -26.66
C GLU C 172 1.35 4.60 -26.02
N PRO C 173 2.22 3.86 -26.72
CA PRO C 173 3.54 3.51 -26.22
C PRO C 173 4.25 4.74 -25.63
N LEU C 174 4.91 4.56 -24.50
CA LEU C 174 5.60 5.65 -23.82
C LEU C 174 7.06 5.74 -24.22
N ARG C 175 7.43 6.81 -24.94
CA ARG C 175 8.82 6.97 -25.37
C ARG C 175 9.55 8.07 -24.62
N LYS C 176 10.54 7.68 -23.82
CA LYS C 176 11.34 8.64 -23.06
C LYS C 176 12.67 8.82 -23.77
N THR C 177 13.19 10.05 -23.78
CA THR C 177 14.44 10.34 -24.47
C THR C 177 15.64 10.59 -23.59
N TRP C 178 16.81 10.51 -24.23
CA TRP C 178 18.09 10.73 -23.57
C TRP C 178 19.15 11.01 -24.63
N GLU C 179 20.08 11.90 -24.31
CA GLU C 179 21.17 12.25 -25.20
C GLU C 179 22.29 12.87 -24.39
N PHE C 180 23.50 12.83 -24.92
CA PHE C 180 24.65 13.37 -24.20
C PHE C 180 24.66 14.89 -24.05
N GLU C 181 25.07 15.35 -22.87
CA GLU C 181 25.16 16.76 -22.55
C GLU C 181 26.03 16.94 -21.30
N GLU C 182 26.54 18.16 -21.09
CA GLU C 182 27.38 18.45 -19.93
C GLU C 182 26.62 18.34 -18.60
N ALA D 1 30.47 -22.95 2.94
CA ALA D 1 29.26 -23.55 3.58
C ALA D 1 28.04 -23.38 2.66
N ALA D 2 28.26 -23.58 1.37
CA ALA D 2 27.22 -23.44 0.36
C ALA D 2 25.97 -24.28 0.66
N ASP D 3 25.04 -23.70 1.42
CA ASP D 3 23.82 -24.40 1.76
C ASP D 3 22.81 -24.27 0.62
N LEU D 4 21.69 -24.96 0.78
CA LEU D 4 20.61 -24.93 -0.18
C LEU D 4 19.65 -23.85 0.33
N ILE D 5 19.22 -22.95 -0.54
CA ILE D 5 18.30 -21.91 -0.11
C ILE D 5 16.91 -22.50 0.00
N ALA D 6 16.26 -22.24 1.13
CA ALA D 6 14.91 -22.74 1.38
C ALA D 6 13.84 -21.73 0.98
N TYR D 7 12.74 -22.23 0.44
CA TYR D 7 11.66 -21.36 0.03
C TYR D 7 10.45 -21.61 0.92
N LEU D 8 9.47 -20.71 0.86
CA LEU D 8 8.26 -20.85 1.66
C LEU D 8 7.26 -21.66 0.85
N LYS D 9 6.68 -22.69 1.47
CA LYS D 9 5.72 -23.55 0.78
C LYS D 9 4.39 -22.85 0.53
N GLN D 10 4.00 -22.83 -0.73
CA GLN D 10 2.76 -22.20 -1.13
C GLN D 10 1.56 -23.09 -0.81
N ALA D 11 0.61 -22.55 -0.08
CA ALA D 11 -0.59 -23.29 0.31
C ALA D 11 -1.66 -23.28 -0.78
N SER D 12 -2.44 -24.35 -0.83
CA SER D 12 -3.49 -24.45 -1.83
C SER D 12 -4.82 -23.97 -1.29
N ALA D 13 -5.41 -23.00 -1.98
CA ALA D 13 -6.70 -22.45 -1.60
C ALA D 13 -7.76 -23.43 -2.06
N LYS D 14 -8.84 -23.56 -1.30
CA LYS D 14 -9.88 -24.47 -1.71
C LYS D 14 -10.97 -23.73 -2.44
N GLY D 15 -11.18 -24.11 -3.69
CA GLY D 15 -12.18 -23.48 -4.51
C GLY D 15 -13.47 -24.27 -4.49
N GLY D 16 -14.46 -23.80 -5.24
CA GLY D 16 -15.75 -24.46 -5.29
C GLY D 16 -16.80 -23.50 -4.78
N GLY D 17 -17.27 -23.74 -3.56
CA GLY D 17 -18.26 -22.87 -2.98
C GLY D 17 -17.67 -21.55 -2.57
N GLY D 18 -18.45 -20.47 -2.72
CA GLY D 18 -17.97 -19.16 -2.34
C GLY D 18 -17.76 -18.27 -3.55
N SER D 19 -18.38 -17.10 -3.53
CA SER D 19 -18.26 -16.17 -4.65
C SER D 19 -18.85 -14.81 -4.25
N LEU D 20 -18.08 -13.75 -4.46
CA LEU D 20 -18.53 -12.40 -4.12
C LEU D 20 -19.22 -11.73 -5.30
N VAL D 21 -20.05 -10.74 -5.00
CA VAL D 21 -20.75 -10.01 -6.04
C VAL D 21 -19.80 -8.98 -6.64
N GLY D 22 -19.65 -9.02 -7.97
CA GLY D 22 -18.77 -8.10 -8.68
C GLY D 22 -18.65 -6.70 -8.10
N GLY D 23 -17.43 -6.30 -7.78
CA GLY D 23 -17.20 -4.98 -7.23
C GLY D 23 -15.72 -4.61 -7.18
N GLY D 24 -15.43 -3.42 -6.64
CA GLY D 24 -14.06 -2.97 -6.54
C GLY D 24 -13.26 -3.07 -7.82
N SER D 25 -13.94 -3.27 -8.95
CA SER D 25 -13.28 -3.39 -10.24
C SER D 25 -12.61 -2.07 -10.62
N GLY D 26 -12.18 -1.96 -11.88
CA GLY D 26 -11.52 -0.74 -12.32
C GLY D 26 -12.14 -0.09 -13.55
N GLY D 27 -12.78 -0.91 -14.40
CA GLY D 27 -13.40 -0.39 -15.60
C GLY D 27 -12.37 -0.08 -16.67
N GLY D 28 -12.64 0.97 -17.46
CA GLY D 28 -11.73 1.35 -18.51
C GLY D 28 -11.87 0.53 -19.78
N GLY D 29 -12.57 -0.61 -19.68
CA GLY D 29 -12.78 -1.48 -20.82
C GLY D 29 -11.53 -2.10 -21.42
N SER D 30 -10.38 -1.84 -20.81
CA SER D 30 -9.11 -2.38 -21.30
C SER D 30 -9.04 -3.90 -21.18
N ARG D 31 -7.90 -4.45 -21.57
CA ARG D 31 -7.69 -5.90 -21.54
C ARG D 31 -7.77 -6.48 -20.14
N PRO D 32 -8.69 -7.42 -19.91
CA PRO D 32 -8.80 -8.00 -18.58
C PRO D 32 -7.55 -8.84 -18.26
N TRP D 33 -7.16 -8.85 -16.99
CA TRP D 33 -6.01 -9.62 -16.55
C TRP D 33 -6.29 -10.21 -15.16
N PHE D 34 -5.59 -11.28 -14.81
CA PHE D 34 -5.81 -11.90 -13.51
C PHE D 34 -4.49 -12.35 -12.93
N LEU D 35 -4.16 -11.79 -11.76
CA LEU D 35 -2.89 -12.10 -11.12
C LEU D 35 -3.01 -12.65 -9.71
N GLU D 36 -2.33 -13.78 -9.49
CA GLU D 36 -2.26 -14.42 -8.17
C GLU D 36 -0.81 -14.13 -7.84
N TYR D 37 -0.60 -13.24 -6.87
CA TYR D 37 0.73 -12.80 -6.53
C TYR D 37 0.94 -12.85 -5.02
N CYS D 38 2.02 -13.50 -4.62
CA CYS D 38 2.34 -13.65 -3.20
C CYS D 38 3.78 -13.28 -2.87
N LYS D 39 3.95 -12.53 -1.78
CA LYS D 39 5.28 -12.12 -1.32
C LYS D 39 5.50 -12.55 0.13
N SER D 40 6.53 -13.36 0.32
CA SER D 40 6.88 -13.84 1.65
C SER D 40 8.10 -13.02 2.07
N GLU D 41 7.94 -12.29 3.15
CA GLU D 41 8.98 -11.41 3.63
C GLU D 41 9.60 -11.78 4.95
N CYS D 42 10.93 -11.86 4.97
CA CYS D 42 11.67 -12.13 6.18
C CYS D 42 12.26 -10.78 6.55
N HIS D 43 11.88 -10.23 7.70
CA HIS D 43 12.40 -8.95 8.14
C HIS D 43 13.37 -9.19 9.28
N PHE D 44 14.64 -8.91 9.04
CA PHE D 44 15.66 -9.10 10.07
C PHE D 44 15.92 -7.78 10.79
N TYR D 45 15.40 -7.67 12.00
CA TYR D 45 15.57 -6.47 12.79
C TYR D 45 16.99 -6.21 13.24
N ASN D 46 17.81 -7.25 13.20
CA ASN D 46 19.21 -7.17 13.58
C ASN D 46 19.77 -8.57 13.60
N GLY D 47 20.21 -9.04 12.44
CA GLY D 47 20.74 -10.38 12.36
C GLY D 47 19.62 -11.34 12.73
N THR D 48 19.92 -12.63 12.74
CA THR D 48 18.93 -13.64 13.06
C THR D 48 18.40 -13.49 14.48
N GLN D 49 18.85 -12.44 15.16
CA GLN D 49 18.42 -12.16 16.53
C GLN D 49 16.90 -12.00 16.63
N ARG D 50 16.38 -10.98 15.96
CA ARG D 50 14.95 -10.69 15.92
C ARG D 50 14.47 -10.84 14.47
N VAL D 51 13.50 -11.72 14.25
CA VAL D 51 12.99 -11.98 12.91
C VAL D 51 11.48 -12.01 12.81
N ARG D 52 10.94 -11.27 11.84
CA ARG D 52 9.51 -11.23 11.61
C ARG D 52 9.24 -11.68 10.18
N LEU D 53 8.33 -12.64 10.03
CA LEU D 53 7.96 -13.14 8.71
C LEU D 53 6.60 -12.58 8.35
N LEU D 54 6.46 -12.08 7.13
CA LEU D 54 5.19 -11.53 6.68
C LEU D 54 4.92 -11.98 5.27
N VAL D 55 3.83 -12.72 5.10
CA VAL D 55 3.45 -13.22 3.78
C VAL D 55 2.29 -12.37 3.32
N ARG D 56 2.32 -11.92 2.07
CA ARG D 56 1.26 -11.08 1.56
C ARG D 56 0.72 -11.55 0.21
N TYR D 57 -0.59 -11.78 0.16
CA TYR D 57 -1.30 -12.25 -1.02
C TYR D 57 -2.04 -11.15 -1.72
N PHE D 58 -1.82 -11.04 -3.02
CA PHE D 58 -2.51 -10.03 -3.77
C PHE D 58 -3.24 -10.68 -4.94
N TYR D 59 -4.53 -10.37 -5.08
CA TYR D 59 -5.26 -10.87 -6.22
C TYR D 59 -5.42 -9.60 -7.04
N ASN D 60 -4.75 -9.56 -8.19
CA ASN D 60 -4.74 -8.39 -9.07
C ASN D 60 -4.15 -7.19 -8.35
N LEU D 61 -4.97 -6.20 -8.04
CA LEU D 61 -4.45 -4.99 -7.38
C LEU D 61 -4.62 -4.89 -5.86
N GLU D 62 -5.34 -5.83 -5.26
CA GLU D 62 -5.57 -5.76 -3.82
C GLU D 62 -4.94 -6.81 -2.94
N GLU D 63 -4.40 -6.37 -1.81
CA GLU D 63 -3.83 -7.28 -0.85
C GLU D 63 -5.07 -7.80 -0.15
N ASN D 64 -5.34 -9.09 -0.26
CA ASN D 64 -6.53 -9.67 0.34
C ASN D 64 -6.28 -10.57 1.55
N LEU D 65 -5.04 -11.02 1.74
CA LEU D 65 -4.74 -11.91 2.85
C LEU D 65 -3.26 -11.87 3.22
N ARG D 66 -2.96 -12.14 4.50
CA ARG D 66 -1.58 -12.16 4.95
C ARG D 66 -1.34 -13.12 6.12
N PHE D 67 -0.06 -13.40 6.36
CA PHE D 67 0.34 -14.25 7.46
C PHE D 67 1.49 -13.52 8.14
N ASP D 68 1.20 -12.98 9.31
CA ASP D 68 2.18 -12.22 10.09
C ASP D 68 2.62 -13.05 11.28
N SER D 69 3.91 -13.41 11.33
CA SER D 69 4.38 -14.19 12.46
C SER D 69 3.96 -13.50 13.78
N ASP D 70 3.91 -12.17 13.77
CA ASP D 70 3.49 -11.43 14.96
C ASP D 70 2.14 -11.93 15.45
N VAL D 71 1.30 -12.38 14.53
CA VAL D 71 -0.03 -12.85 14.89
C VAL D 71 -0.11 -14.36 15.12
N GLY D 72 0.62 -15.12 14.32
CA GLY D 72 0.60 -16.57 14.46
C GLY D 72 -0.33 -17.30 13.51
N GLU D 73 -1.26 -16.60 12.88
CA GLU D 73 -2.19 -17.24 11.95
C GLU D 73 -2.48 -16.36 10.74
N PHE D 74 -3.22 -16.89 9.77
CA PHE D 74 -3.56 -16.11 8.59
C PHE D 74 -4.73 -15.17 8.95
N ARG D 75 -4.68 -13.96 8.43
CA ARG D 75 -5.73 -12.98 8.68
C ARG D 75 -6.13 -12.34 7.36
N ALA D 76 -7.43 -12.33 7.07
CA ALA D 76 -7.93 -11.73 5.84
C ALA D 76 -7.70 -10.23 5.86
N VAL D 77 -7.39 -9.67 4.70
CA VAL D 77 -7.17 -8.24 4.62
C VAL D 77 -8.44 -7.67 3.98
N THR D 78 -9.07 -8.49 3.15
CA THR D 78 -10.34 -8.12 2.50
C THR D 78 -11.24 -9.35 2.40
N GLU D 79 -12.43 -9.16 1.83
CA GLU D 79 -13.39 -10.25 1.68
C GLU D 79 -12.82 -11.48 1.01
N LEU D 80 -12.08 -11.26 -0.07
CA LEU D 80 -11.48 -12.33 -0.86
C LEU D 80 -10.50 -13.24 -0.12
N GLY D 81 -9.99 -12.78 1.02
CA GLY D 81 -9.06 -13.59 1.78
C GLY D 81 -9.74 -14.42 2.86
N ARG D 82 -10.99 -14.10 3.18
CA ARG D 82 -11.71 -14.82 4.23
C ARG D 82 -11.71 -16.35 4.10
N PRO D 83 -12.19 -16.89 2.96
CA PRO D 83 -12.22 -18.34 2.76
C PRO D 83 -10.89 -19.00 3.04
N ASP D 84 -9.81 -18.38 2.58
CA ASP D 84 -8.48 -18.95 2.79
C ASP D 84 -8.04 -18.81 4.23
N ALA D 85 -8.46 -17.74 4.87
CA ALA D 85 -8.12 -17.53 6.26
C ALA D 85 -8.76 -18.65 7.08
N GLU D 86 -10.07 -18.77 6.96
CA GLU D 86 -10.76 -19.79 7.72
C GLU D 86 -10.29 -21.18 7.36
N ASN D 87 -10.13 -21.43 6.07
CA ASN D 87 -9.68 -22.75 5.67
C ASN D 87 -8.32 -23.08 6.25
N TRP D 88 -7.33 -22.25 5.93
CA TRP D 88 -5.97 -22.49 6.39
C TRP D 88 -5.79 -22.52 7.91
N ASN D 89 -6.49 -21.64 8.63
CA ASN D 89 -6.36 -21.61 10.07
C ASN D 89 -6.93 -22.85 10.76
N SER D 90 -7.73 -23.62 10.04
CA SER D 90 -8.32 -24.84 10.59
C SER D 90 -7.37 -26.01 10.38
N GLN D 91 -6.18 -25.72 9.86
CA GLN D 91 -5.17 -26.74 9.61
C GLN D 91 -3.99 -26.55 10.55
N PRO D 92 -4.13 -27.05 11.80
CA PRO D 92 -3.14 -26.99 12.88
C PRO D 92 -1.70 -27.31 12.54
N GLU D 93 -1.47 -28.41 11.84
CA GLU D 93 -0.09 -28.77 11.50
C GLU D 93 0.49 -27.82 10.47
N PHE D 94 -0.35 -27.32 9.56
CA PHE D 94 0.13 -26.39 8.54
C PHE D 94 0.54 -25.08 9.21
N LEU D 95 -0.34 -24.58 10.08
CA LEU D 95 -0.05 -23.34 10.81
C LEU D 95 1.25 -23.54 11.58
N GLU D 96 1.42 -24.74 12.13
CA GLU D 96 2.63 -25.05 12.88
C GLU D 96 3.83 -24.84 11.99
N GLN D 97 3.69 -25.26 10.73
CA GLN D 97 4.76 -25.14 9.77
C GLN D 97 5.14 -23.68 9.48
N LYS D 98 4.21 -22.92 8.90
CA LYS D 98 4.49 -21.52 8.57
C LYS D 98 5.28 -20.83 9.67
N ARG D 99 4.73 -20.80 10.88
CA ARG D 99 5.40 -20.18 12.02
C ARG D 99 6.86 -20.61 12.07
N ALA D 100 7.08 -21.92 11.94
CA ALA D 100 8.42 -22.48 11.98
C ALA D 100 9.30 -21.90 10.88
N GLU D 101 8.68 -21.60 9.73
CA GLU D 101 9.44 -21.06 8.61
C GLU D 101 10.28 -19.87 9.05
N VAL D 102 9.91 -19.25 10.16
CA VAL D 102 10.69 -18.12 10.67
C VAL D 102 12.13 -18.60 10.75
N ASP D 103 12.30 -19.86 11.16
CA ASP D 103 13.63 -20.45 11.31
C ASP D 103 14.04 -21.30 10.10
N THR D 104 13.22 -22.28 9.75
CA THR D 104 13.56 -23.17 8.64
C THR D 104 13.75 -22.46 7.30
N VAL D 105 13.44 -21.18 7.24
CA VAL D 105 13.59 -20.40 6.01
C VAL D 105 14.36 -19.11 6.25
N CYS D 106 13.71 -18.17 6.92
CA CYS D 106 14.30 -16.88 7.23
C CYS D 106 15.69 -16.98 7.82
N ARG D 107 15.78 -17.49 9.05
CA ARG D 107 17.08 -17.63 9.69
C ARG D 107 17.99 -18.52 8.87
N HIS D 108 17.43 -19.64 8.39
CA HIS D 108 18.18 -20.56 7.56
C HIS D 108 18.87 -19.79 6.44
N ASN D 109 18.08 -19.16 5.58
CA ASN D 109 18.62 -18.40 4.44
C ASN D 109 19.50 -17.22 4.80
N TYR D 110 19.24 -16.58 5.93
CA TYR D 110 20.05 -15.44 6.33
C TYR D 110 21.50 -15.88 6.45
N GLU D 111 21.69 -17.02 7.10
CA GLU D 111 23.01 -17.62 7.31
C GLU D 111 23.74 -17.83 6.00
N ILE D 112 23.01 -18.19 4.96
CA ILE D 112 23.64 -18.40 3.67
C ILE D 112 24.03 -17.06 3.08
N PHE D 113 23.16 -16.08 3.23
CA PHE D 113 23.42 -14.76 2.68
C PHE D 113 24.44 -13.93 3.46
N ASP D 114 24.64 -14.24 4.73
CA ASP D 114 25.61 -13.47 5.52
C ASP D 114 27.05 -13.68 5.09
N ASN D 115 27.26 -14.60 4.15
CA ASN D 115 28.62 -14.87 3.70
C ASN D 115 28.98 -14.22 2.37
N PHE D 116 28.07 -13.43 1.81
CA PHE D 116 28.39 -12.74 0.57
C PHE D 116 27.48 -11.57 0.22
N LEU D 117 26.23 -11.60 0.68
CA LEU D 117 25.32 -10.52 0.38
C LEU D 117 25.40 -9.44 1.44
N VAL D 118 25.32 -9.83 2.71
CA VAL D 118 25.40 -8.86 3.79
C VAL D 118 26.67 -8.01 3.71
N PRO D 119 27.85 -8.65 3.76
CA PRO D 119 29.13 -7.92 3.69
C PRO D 119 29.52 -7.33 2.33
N ARG D 120 28.64 -7.43 1.33
CA ARG D 120 28.97 -6.87 0.04
C ARG D 120 29.30 -5.39 0.24
N ARG D 121 30.32 -4.91 -0.47
CA ARG D 121 30.75 -3.53 -0.35
C ARG D 121 31.40 -3.09 -1.67
N VAL D 122 31.17 -1.86 -2.08
CA VAL D 122 31.76 -1.37 -3.32
C VAL D 122 32.06 0.12 -3.20
N GLU D 123 33.31 0.44 -2.84
CA GLU D 123 33.74 1.83 -2.71
C GLU D 123 33.20 2.68 -3.85
N PRO D 124 32.64 3.85 -3.53
CA PRO D 124 32.07 4.78 -4.52
C PRO D 124 33.11 5.51 -5.36
N THR D 125 32.71 5.95 -6.53
CA THR D 125 33.58 6.69 -7.43
C THR D 125 33.10 8.14 -7.41
N VAL D 126 33.91 9.03 -6.85
CA VAL D 126 33.52 10.42 -6.75
C VAL D 126 34.09 11.36 -7.81
N THR D 127 33.20 11.99 -8.56
CA THR D 127 33.59 12.92 -9.60
C THR D 127 32.84 14.22 -9.31
N VAL D 128 33.50 15.34 -9.54
CA VAL D 128 32.86 16.64 -9.33
C VAL D 128 32.94 17.39 -10.63
N TYR D 129 31.90 18.13 -10.97
CA TYR D 129 31.93 18.85 -12.22
C TYR D 129 30.87 19.93 -12.32
N PRO D 130 31.17 20.99 -13.08
CA PRO D 130 30.24 22.11 -13.26
C PRO D 130 29.28 21.72 -14.39
N THR D 131 28.03 22.15 -14.29
CA THR D 131 27.05 21.85 -15.34
C THR D 131 26.37 23.15 -15.74
N LYS D 132 27.00 23.92 -16.61
CA LYS D 132 26.43 25.19 -17.04
C LYS D 132 27.35 25.92 -17.99
N THR D 133 26.88 26.15 -19.21
CA THR D 133 27.68 26.85 -20.20
C THR D 133 27.83 28.28 -19.67
N GLN D 134 28.94 28.94 -20.01
CA GLN D 134 29.20 30.30 -19.56
C GLN D 134 27.94 31.15 -19.41
N PRO D 135 27.05 31.12 -20.41
CA PRO D 135 25.82 31.91 -20.32
C PRO D 135 24.93 31.45 -19.16
N LEU D 136 23.68 31.11 -19.48
CA LEU D 136 22.73 30.64 -18.48
C LEU D 136 22.61 31.57 -17.27
N GLU D 137 21.45 32.20 -17.15
CA GLU D 137 21.18 33.13 -16.06
C GLU D 137 21.04 32.45 -14.69
N HIS D 138 20.43 33.19 -13.76
CA HIS D 138 20.20 32.71 -12.40
C HIS D 138 21.39 32.01 -11.75
N HIS D 139 21.20 30.73 -11.42
CA HIS D 139 22.23 29.96 -10.76
C HIS D 139 22.96 28.95 -11.64
N ASN D 140 24.14 28.56 -11.16
CA ASN D 140 25.02 27.59 -11.82
C ASN D 140 25.08 26.37 -10.90
N LEU D 141 25.11 25.17 -11.47
CA LEU D 141 25.16 23.96 -10.65
C LEU D 141 26.54 23.30 -10.54
N LEU D 142 26.86 22.89 -9.31
CA LEU D 142 28.12 22.21 -8.99
C LEU D 142 27.70 20.79 -8.60
N VAL D 143 28.06 19.81 -9.43
CA VAL D 143 27.67 18.43 -9.20
C VAL D 143 28.68 17.51 -8.52
N CYS D 144 28.22 16.83 -7.48
CA CYS D 144 29.08 15.85 -6.84
C CYS D 144 28.48 14.49 -7.15
N SER D 145 29.15 13.74 -8.01
CA SER D 145 28.68 12.42 -8.39
C SER D 145 29.32 11.32 -7.55
N VAL D 146 28.49 10.50 -6.93
CA VAL D 146 28.94 9.38 -6.12
C VAL D 146 28.28 8.17 -6.77
N SER D 147 29.02 7.49 -7.66
CA SER D 147 28.47 6.35 -8.39
C SER D 147 29.02 4.99 -8.03
N ASP D 148 28.25 3.97 -8.40
CA ASP D 148 28.56 2.57 -8.18
C ASP D 148 29.06 2.19 -6.80
N PHE D 149 28.24 2.39 -5.78
CA PHE D 149 28.61 2.01 -4.43
C PHE D 149 27.59 1.02 -3.86
N TYR D 150 27.96 0.36 -2.75
CA TYR D 150 27.10 -0.60 -2.07
C TYR D 150 27.73 -0.86 -0.71
N PRO D 151 26.90 -0.89 0.36
CA PRO D 151 25.45 -0.70 0.43
C PRO D 151 24.98 0.70 0.00
N GLY D 152 23.69 0.95 0.22
CA GLY D 152 23.10 2.22 -0.15
C GLY D 152 23.29 3.30 0.90
N ASN D 153 23.59 2.90 2.13
CA ASN D 153 23.82 3.85 3.22
C ASN D 153 24.98 4.76 2.82
N ILE D 154 24.74 6.06 2.77
CA ILE D 154 25.81 6.97 2.37
C ILE D 154 25.55 8.43 2.75
N GLU D 155 26.63 9.17 2.97
CA GLU D 155 26.56 10.57 3.35
C GLU D 155 27.42 11.40 2.40
N VAL D 156 26.80 12.35 1.73
CA VAL D 156 27.50 13.21 0.77
C VAL D 156 27.29 14.65 1.20
N ARG D 157 28.39 15.36 1.47
CA ARG D 157 28.30 16.74 1.90
C ARG D 157 29.16 17.75 1.18
N TRP D 158 28.58 18.94 1.00
CA TRP D 158 29.24 20.06 0.32
C TRP D 158 29.80 21.07 1.30
N PHE D 159 31.07 21.42 1.11
CA PHE D 159 31.74 22.41 1.95
C PHE D 159 32.32 23.53 1.09
N ARG D 160 32.20 24.76 1.57
CA ARG D 160 32.72 25.92 0.87
C ARG D 160 33.54 26.72 1.89
N ASN D 161 34.86 26.74 1.71
CA ASN D 161 35.77 27.44 2.61
C ASN D 161 35.69 26.86 4.03
N GLY D 162 35.63 25.53 4.12
CA GLY D 162 35.56 24.88 5.42
C GLY D 162 34.16 24.81 5.99
N LYS D 163 33.28 25.70 5.54
CA LYS D 163 31.90 25.74 6.02
C LYS D 163 31.04 24.81 5.17
N GLU D 164 30.03 24.18 5.76
CA GLU D 164 29.16 23.27 5.02
C GLU D 164 27.97 23.98 4.40
N GLU D 165 27.61 23.57 3.19
CA GLU D 165 26.49 24.15 2.49
C GLU D 165 25.26 23.27 2.61
N LYS D 166 24.19 23.80 3.21
CA LYS D 166 22.97 23.04 3.40
C LYS D 166 21.84 23.57 2.52
N THR D 167 21.72 24.89 2.47
CA THR D 167 20.71 25.51 1.62
C THR D 167 21.29 25.49 0.22
N GLY D 168 20.44 25.31 -0.77
CA GLY D 168 20.96 25.29 -2.13
C GLY D 168 21.32 23.91 -2.62
N ILE D 169 21.08 22.89 -1.79
CA ILE D 169 21.37 21.52 -2.17
C ILE D 169 20.20 20.93 -2.95
N VAL D 170 20.53 20.35 -4.09
CA VAL D 170 19.54 19.74 -4.97
C VAL D 170 20.08 18.34 -5.24
N SER D 171 19.36 17.33 -4.78
CA SER D 171 19.80 15.97 -4.95
C SER D 171 18.80 15.05 -5.63
N THR D 172 19.32 14.10 -6.40
CA THR D 172 18.47 13.14 -7.08
C THR D 172 18.12 12.06 -6.07
N GLY D 173 18.79 12.10 -4.93
CA GLY D 173 18.55 11.12 -3.88
C GLY D 173 19.21 9.78 -4.22
N LEU D 174 19.04 8.80 -3.33
CA LEU D 174 19.62 7.48 -3.54
C LEU D 174 18.97 6.77 -4.72
N VAL D 175 19.72 6.52 -5.78
CA VAL D 175 19.19 5.83 -6.95
C VAL D 175 19.70 4.39 -7.05
N ARG D 176 18.76 3.45 -7.22
CA ARG D 176 19.08 2.03 -7.33
C ARG D 176 19.26 1.69 -8.82
N ASN D 177 20.38 1.06 -9.18
CA ASN D 177 20.63 0.72 -10.58
C ASN D 177 20.13 -0.65 -11.00
N GLY D 178 19.84 -1.51 -10.03
CA GLY D 178 19.33 -2.83 -10.33
C GLY D 178 20.34 -3.97 -10.30
N ASP D 179 21.61 -3.67 -10.58
CA ASP D 179 22.65 -4.69 -10.60
C ASP D 179 23.47 -4.66 -9.32
N TRP D 180 22.81 -4.37 -8.22
CA TRP D 180 23.48 -4.30 -6.94
C TRP D 180 24.47 -3.16 -6.77
N THR D 181 24.19 -2.03 -7.42
CA THR D 181 25.00 -0.83 -7.25
C THR D 181 24.04 0.35 -7.12
N PHE D 182 24.42 1.32 -6.30
CA PHE D 182 23.61 2.53 -6.11
C PHE D 182 24.37 3.69 -6.72
N GLN D 183 23.67 4.75 -7.05
CA GLN D 183 24.32 5.95 -7.58
C GLN D 183 23.56 7.14 -7.00
N THR D 184 24.16 8.33 -7.06
CA THR D 184 23.49 9.52 -6.58
C THR D 184 24.18 10.77 -7.06
N LEU D 185 23.43 11.88 -7.10
CA LEU D 185 23.97 13.16 -7.52
C LEU D 185 23.57 14.19 -6.46
N VAL D 186 24.55 14.72 -5.72
CA VAL D 186 24.29 15.73 -4.70
C VAL D 186 24.79 17.04 -5.27
N MET D 187 23.87 17.85 -5.75
CA MET D 187 24.23 19.10 -6.38
C MET D 187 24.14 20.30 -5.47
N LEU D 188 24.92 21.33 -5.79
CA LEU D 188 24.95 22.56 -5.02
C LEU D 188 24.72 23.78 -5.91
N GLU D 189 23.83 24.66 -5.46
CA GLU D 189 23.52 25.87 -6.18
C GLU D 189 24.33 27.01 -5.55
N THR D 190 25.23 27.58 -6.33
CA THR D 190 26.08 28.68 -5.87
C THR D 190 26.59 29.48 -7.05
N VAL D 191 27.40 30.48 -6.75
CA VAL D 191 27.98 31.30 -7.79
C VAL D 191 29.49 31.33 -7.58
N PRO D 192 30.19 30.37 -8.19
CA PRO D 192 31.65 30.22 -8.11
C PRO D 192 32.41 31.50 -8.42
N GLN D 193 33.30 31.89 -7.51
CA GLN D 193 34.10 33.10 -7.67
C GLN D 193 35.61 32.86 -7.59
N SER D 194 36.37 33.87 -7.98
CA SER D 194 37.84 33.87 -7.97
C SER D 194 38.58 32.70 -7.31
N GLY D 195 39.08 32.92 -6.08
CA GLY D 195 39.82 31.85 -5.40
C GLY D 195 38.97 31.05 -4.43
N GLU D 196 37.78 30.68 -4.87
CA GLU D 196 36.84 29.93 -4.05
C GLU D 196 36.93 28.42 -4.32
N VAL D 197 37.28 27.66 -3.28
CA VAL D 197 37.42 26.22 -3.41
C VAL D 197 36.25 25.46 -2.77
N TYR D 198 35.63 24.57 -3.55
CA TYR D 198 34.52 23.76 -3.05
C TYR D 198 34.97 22.33 -2.82
N THR D 199 34.41 21.70 -1.82
CA THR D 199 34.76 20.33 -1.51
C THR D 199 33.55 19.44 -1.28
N CYS D 200 33.59 18.23 -1.85
CA CYS D 200 32.52 17.26 -1.67
C CYS D 200 33.10 16.15 -0.83
N GLN D 201 32.58 16.00 0.39
CA GLN D 201 33.06 14.97 1.30
C GLN D 201 32.08 13.80 1.40
N VAL D 202 32.60 12.59 1.20
CA VAL D 202 31.76 11.41 1.25
C VAL D 202 32.10 10.44 2.37
N GLU D 203 31.06 9.85 2.95
CA GLU D 203 31.20 8.88 4.03
C GLU D 203 30.40 7.65 3.67
N HIS D 204 31.07 6.51 3.64
CA HIS D 204 30.44 5.25 3.28
C HIS D 204 31.12 4.14 4.07
N PRO D 205 30.37 3.07 4.40
CA PRO D 205 30.96 1.98 5.17
C PRO D 205 32.12 1.29 4.45
N SER D 206 32.19 1.44 3.14
CA SER D 206 33.26 0.82 2.36
C SER D 206 34.54 1.65 2.47
N LEU D 207 34.47 2.71 3.28
CA LEU D 207 35.62 3.59 3.48
C LEU D 207 35.93 3.83 4.96
N THR D 208 37.20 3.64 5.32
CA THR D 208 37.65 3.85 6.69
C THR D 208 37.68 5.35 6.92
N ASP D 209 38.30 6.06 5.98
CA ASP D 209 38.40 7.51 6.04
C ASP D 209 37.63 8.13 4.87
N PRO D 210 36.93 9.24 5.13
CA PRO D 210 36.14 9.98 4.16
C PRO D 210 36.87 10.27 2.86
N VAL D 211 36.12 10.34 1.77
CA VAL D 211 36.71 10.67 0.48
C VAL D 211 36.29 12.11 0.23
N THR D 212 37.26 12.95 -0.13
CA THR D 212 36.96 14.35 -0.38
C THR D 212 37.47 14.74 -1.75
N VAL D 213 36.67 15.54 -2.46
CA VAL D 213 37.04 16.01 -3.78
C VAL D 213 36.84 17.52 -3.82
N GLU D 214 37.89 18.25 -4.16
CA GLU D 214 37.80 19.70 -4.24
C GLU D 214 37.58 20.17 -5.67
N TRP D 215 36.94 21.32 -5.81
CA TRP D 215 36.70 21.89 -7.13
C TRP D 215 36.98 23.38 -7.07
C1 NAG E . 12.05 22.68 -9.49
C2 NAG E . 12.57 24.09 -9.81
C3 NAG E . 13.66 24.02 -10.89
C4 NAG E . 14.76 23.05 -10.45
C5 NAG E . 14.13 21.70 -10.17
C6 NAG E . 15.13 20.65 -9.75
C7 NAG E . 11.70 26.16 -10.68
C8 NAG E . 11.91 27.22 -9.61
N2 NAG E . 11.47 24.92 -10.28
O3 NAG E . 14.22 25.30 -11.11
O4 NAG E . 15.74 22.95 -11.47
O5 NAG E . 13.15 21.81 -9.14
O6 NAG E . 14.94 19.45 -10.47
O7 NAG E . 11.73 26.48 -11.88
C1 NAG F . -16.29 21.81 -4.74
C2 NAG F . -15.41 22.07 -5.96
C3 NAG F . -14.64 23.39 -5.79
C4 NAG F . -15.59 24.54 -5.44
C5 NAG F . -16.53 24.15 -4.29
C6 NAG F . -17.61 25.20 -4.10
C7 NAG F . -14.24 20.47 -7.34
C8 NAG F . -13.34 19.26 -7.43
N2 NAG F . -14.48 20.97 -6.13
O3 NAG F . -13.98 23.70 -7.01
O4 NAG F . -14.83 25.69 -5.08
O5 NAG F . -17.20 22.90 -4.55
O6 NAG F . -17.60 25.72 -2.77
O7 NAG F . -14.71 20.96 -8.36
C1 NAG G . -4.38 -13.10 26.04
C2 NAG G . -3.60 -14.33 26.49
C3 NAG G . -4.40 -15.02 27.61
C4 NAG G . -4.65 -14.03 28.75
C5 NAG G . -5.24 -12.70 28.24
C6 NAG G . -5.22 -11.63 29.33
C7 NAG G . -4.32 -16.03 24.93
C8 NAG G . -4.07 -17.54 25.00
N2 NAG G . -3.36 -15.23 25.36
O3 NAG G . -3.69 -16.15 28.09
O4 NAG G . -5.56 -14.61 29.67
O5 NAG G . -4.46 -12.18 27.13
O6 NAG G . -6.00 -10.50 28.97
O7 NAG G . -5.39 -15.61 24.48
S SO4 H . 3.55 -3.89 8.03
O1 SO4 H . 2.99 -4.06 6.68
O2 SO4 H . 4.96 -4.31 8.04
O3 SO4 H . 3.46 -2.47 8.39
O4 SO4 H . 2.77 -4.69 8.99
C1 NAG I . -20.71 -12.70 -12.58
C2 NAG I . -21.97 -11.88 -12.22
C3 NAG I . -22.96 -11.84 -13.39
C4 NAG I . -22.24 -11.35 -14.65
C5 NAG I . -21.03 -12.25 -14.93
C6 NAG I . -20.26 -11.81 -16.16
C7 NAG I . -22.24 -12.15 -9.83
C8 NAG I . -21.59 -13.26 -9.03
N2 NAG I . -22.64 -12.45 -11.07
O3 NAG I . -24.03 -10.97 -13.08
O4 NAG I . -23.12 -11.38 -15.76
O5 NAG I . -20.13 -12.21 -13.80
O6 NAG I . -18.97 -12.43 -16.23
O7 NAG I . -22.37 -11.03 -9.35
#